data_4SLI
#
_entry.id   4SLI
#
_cell.length_a   46.264
_cell.length_b   69.437
_cell.length_c   72.319
_cell.angle_alpha   112.93
_cell.angle_beta   95.60
_cell.angle_gamma   106.86
#
_symmetry.space_group_name_H-M   'P 1'
#
loop_
_entity.id
_entity.type
_entity.pdbx_description
1 polymer 'INTRAMOLECULAR TRANS-SIALIDASE'
2 non-polymer '2-propenyl-N-acetyl-neuraminic acid'
3 water water
#
_entity_poly.entity_id   1
_entity_poly.type   'polypeptide(L)'
_entity_poly.pdbx_seq_one_letter_code
;IPEGILMEKNNVDIAEGQGYSLDQEAGAKYVKAMTQGTIILSYKSTSENGIQSLFSVGNSTAGNQDRHFHIYITNSGGIG
IELRNTDGVFNYTLDRPASVRALYKGERVFNTVALKADAANKQCRLFANGELLATLDKDAFKFISDITGVDNVTLGGTKR
QGKIAYPFGGTIGDIKVYSNALSDEELIQATGVTTYGENIFYAGDVTESNYFRIPSLLTLSTGTVISAADARYGGTHDSK
SKINIAFAKSTDGGNTWSEPTLPLKFDDYIAKNIDWPRDSVGKNVQIQGSASYIDPVLLEDKLTKRIFLFADLMPAGIGS
SNASVGSGFKEVNGKKYLKLRWHKDAGRAYDYTIREKGVIYNDATNQPTEFRVDGEYNLYQHDTNLTCKQYDYNFSGNNL
IESKTDVDVNMNIFYKNSVFKAFPTNYLAMRYSDDEGASWSDLDIVSSFKPEVSKFLVVGPGIGKQISTGENAGRLLVPL
YSKSSAELGFMYSDDHGDNWTYVEADNLTGGATAEAQIVEMPDGSLKTYLRTGSNCIAEVTSIDGGETWSDRVPLQGIST
TSYGTQLSVINYSQPIDGKPAIILSSPNATNGRKNGKIWIGLVNDTGNTGIDKYSVEWKYSYAVDTPQMGYSYSCLAELP
DGQVGLLYEKYDSWSRNELHLKDILKFEKYSISELTGQA
;
_entity_poly.pdbx_strand_id   A
#
# COMPACT_ATOMS: atom_id res chain seq x y z
N ILE A 1 36.23 23.32 19.38
CA ILE A 1 34.78 23.37 19.03
C ILE A 1 33.97 23.26 20.32
N PRO A 2 33.16 24.28 20.64
CA PRO A 2 32.33 24.27 21.85
C PRO A 2 31.21 23.24 21.81
N GLU A 3 30.68 22.90 22.97
CA GLU A 3 29.59 21.94 23.12
C GLU A 3 28.24 22.64 22.91
N GLY A 4 27.40 22.07 22.06
CA GLY A 4 26.09 22.64 21.82
C GLY A 4 25.89 23.24 20.43
N ILE A 5 25.03 24.25 20.38
CA ILE A 5 24.71 24.93 19.13
C ILE A 5 25.85 25.78 18.58
N LEU A 6 26.33 25.41 17.40
CA LEU A 6 27.39 26.13 16.73
C LEU A 6 26.83 27.23 15.83
N MET A 7 25.59 27.04 15.36
CA MET A 7 24.99 28.00 14.45
C MET A 7 23.47 27.84 14.40
N GLU A 8 22.75 28.94 14.21
CA GLU A 8 21.30 28.91 14.09
C GLU A 8 20.88 30.08 13.22
N LYS A 9 19.90 29.84 12.36
CA LYS A 9 19.41 30.87 11.45
C LYS A 9 17.91 30.62 11.26
N ASN A 10 17.12 31.70 11.16
CA ASN A 10 15.68 31.58 11.01
C ASN A 10 15.14 32.37 9.82
N ASN A 11 14.02 31.88 9.27
CA ASN A 11 13.31 32.51 8.16
C ASN A 11 14.18 33.01 7.03
N VAL A 12 14.85 32.09 6.34
CA VAL A 12 15.72 32.44 5.23
C VAL A 12 15.11 32.06 3.89
N ASP A 13 14.71 33.06 3.10
CA ASP A 13 14.14 32.82 1.77
C ASP A 13 15.30 32.66 0.80
N ILE A 14 15.25 31.61 -0.01
CA ILE A 14 16.29 31.33 -0.98
C ILE A 14 15.74 31.29 -2.39
N ALA A 15 16.26 32.18 -3.24
CA ALA A 15 15.85 32.24 -4.64
C ALA A 15 16.48 31.03 -5.33
N GLU A 16 15.66 30.34 -6.13
CA GLU A 16 16.08 29.16 -6.85
C GLU A 16 17.44 29.35 -7.55
N GLY A 17 18.39 28.48 -7.24
CA GLY A 17 19.71 28.56 -7.85
C GLY A 17 20.68 29.58 -7.26
N GLN A 18 20.21 30.36 -6.28
CA GLN A 18 21.03 31.37 -5.63
C GLN A 18 21.82 30.90 -4.42
N GLY A 19 21.19 30.06 -3.61
CA GLY A 19 21.85 29.57 -2.40
C GLY A 19 21.90 30.69 -1.38
N TYR A 20 22.51 30.44 -0.23
CA TYR A 20 22.64 31.43 0.83
C TYR A 20 23.91 31.12 1.61
N SER A 21 24.82 32.08 1.69
CA SER A 21 26.08 31.90 2.39
C SER A 21 26.00 32.08 3.91
N LEU A 22 26.52 31.10 4.65
CA LEU A 22 26.55 31.16 6.10
C LEU A 22 28.01 31.33 6.56
N ASP A 23 28.88 31.72 5.64
CA ASP A 23 30.31 31.90 5.92
C ASP A 23 30.63 32.97 6.97
N GLN A 24 29.81 34.03 7.07
CA GLN A 24 30.09 35.06 8.07
C GLN A 24 29.42 34.84 9.44
N GLU A 25 28.84 33.66 9.64
CA GLU A 25 28.22 33.35 10.92
C GLU A 25 29.35 33.12 11.93
N ALA A 26 29.14 33.52 13.17
CA ALA A 26 30.16 33.39 14.21
C ALA A 26 30.75 31.99 14.34
N GLY A 27 29.91 30.96 14.18
CA GLY A 27 30.37 29.59 14.32
C GLY A 27 30.77 28.84 13.06
N ALA A 28 30.86 29.54 11.93
CA ALA A 28 31.25 28.89 10.67
C ALA A 28 32.59 28.16 10.79
N LYS A 29 33.54 28.74 11.51
CA LYS A 29 34.85 28.09 11.70
C LYS A 29 34.74 26.74 12.41
N TYR A 30 33.74 26.60 13.28
CA TYR A 30 33.53 25.34 13.99
C TYR A 30 32.79 24.35 13.09
N VAL A 31 31.75 24.84 12.42
CA VAL A 31 30.95 24.00 11.52
C VAL A 31 31.82 23.40 10.42
N LYS A 32 32.78 24.18 9.91
CA LYS A 32 33.69 23.70 8.86
C LYS A 32 34.68 22.64 9.35
N ALA A 33 34.71 22.39 10.66
CA ALA A 33 35.63 21.42 11.24
C ALA A 33 34.97 20.34 12.08
N MET A 34 33.64 20.24 12.03
CA MET A 34 32.90 19.24 12.81
C MET A 34 33.40 17.82 12.66
N THR A 35 33.61 17.16 13.80
CA THR A 35 34.05 15.78 13.83
C THR A 35 32.83 14.85 13.93
N GLN A 36 31.69 15.42 14.30
CA GLN A 36 30.41 14.72 14.46
C GLN A 36 29.38 15.81 14.76
N GLY A 37 28.14 15.43 15.03
CA GLY A 37 27.14 16.44 15.35
C GLY A 37 25.73 16.15 14.88
N THR A 38 24.85 17.14 15.00
CA THR A 38 23.45 17.00 14.58
C THR A 38 22.98 18.24 13.83
N ILE A 39 22.26 18.05 12.74
CA ILE A 39 21.72 19.18 11.99
C ILE A 39 20.20 18.98 11.90
N ILE A 40 19.45 19.98 12.29
CA ILE A 40 18.01 19.88 12.21
C ILE A 40 17.48 21.12 11.50
N LEU A 41 16.61 20.92 10.51
CA LEU A 41 16.05 22.06 9.79
C LEU A 41 14.63 21.89 9.30
N SER A 42 13.95 23.03 9.28
CA SER A 42 12.56 23.18 8.85
C SER A 42 12.63 23.90 7.50
N TYR A 43 11.96 23.37 6.48
CA TYR A 43 12.01 24.01 5.15
C TYR A 43 10.71 23.83 4.38
N LYS A 44 10.53 24.68 3.38
CA LYS A 44 9.38 24.65 2.48
C LYS A 44 9.96 24.84 1.07
N SER A 45 9.87 23.80 0.25
CA SER A 45 10.39 23.83 -1.12
C SER A 45 9.35 24.36 -2.12
N THR A 46 9.73 25.34 -2.93
CA THR A 46 8.82 25.90 -3.93
C THR A 46 9.34 25.59 -5.33
N SER A 47 10.37 24.75 -5.39
CA SER A 47 11.02 24.41 -6.64
C SER A 47 10.75 23.00 -7.12
N GLU A 48 10.80 22.80 -8.44
CA GLU A 48 10.60 21.49 -9.02
C GLU A 48 11.95 20.88 -9.42
N ASN A 49 13.05 21.49 -8.98
CA ASN A 49 14.37 20.95 -9.31
C ASN A 49 14.51 19.53 -8.76
N GLY A 50 15.13 18.66 -9.55
CA GLY A 50 15.31 17.26 -9.17
C GLY A 50 15.93 17.01 -7.80
N ILE A 51 17.13 17.52 -7.59
CA ILE A 51 17.86 17.35 -6.33
C ILE A 51 18.04 18.74 -5.74
N GLN A 52 17.68 18.91 -4.48
CA GLN A 52 17.78 20.21 -3.82
C GLN A 52 18.49 20.11 -2.46
N SER A 53 19.72 20.61 -2.40
CA SER A 53 20.48 20.60 -1.15
C SER A 53 19.84 21.61 -0.19
N LEU A 54 19.62 21.18 1.05
CA LEU A 54 19.07 22.02 2.09
C LEU A 54 20.23 22.73 2.82
N PHE A 55 21.29 21.97 3.09
CA PHE A 55 22.45 22.48 3.81
C PHE A 55 23.68 21.71 3.38
N SER A 56 24.80 22.42 3.25
CA SER A 56 26.06 21.80 2.83
C SER A 56 27.30 22.52 3.39
N VAL A 57 28.41 21.78 3.44
CA VAL A 57 29.69 22.29 3.91
C VAL A 57 30.70 21.57 3.03
N GLY A 58 31.61 22.30 2.40
CA GLY A 58 32.59 21.63 1.55
C GLY A 58 33.62 22.53 0.89
N ASN A 59 34.28 21.98 -0.11
CA ASN A 59 35.32 22.69 -0.87
C ASN A 59 34.75 23.15 -2.21
N SER A 60 34.61 24.46 -2.40
CA SER A 60 34.04 25.04 -3.62
C SER A 60 35.00 25.23 -4.80
N THR A 61 36.28 24.94 -4.58
CA THR A 61 37.29 25.17 -5.61
C THR A 61 37.38 24.19 -6.78
N ALA A 62 38.08 24.64 -7.82
CA ALA A 62 38.27 23.86 -9.04
C ALA A 62 38.85 22.47 -8.79
N GLY A 63 38.27 21.47 -9.44
CA GLY A 63 38.71 20.10 -9.30
C GLY A 63 38.35 19.46 -7.97
N ASN A 64 37.66 20.19 -7.10
CA ASN A 64 37.29 19.65 -5.79
C ASN A 64 35.79 19.46 -5.60
N GLN A 65 35.10 19.27 -6.72
CA GLN A 65 33.65 19.10 -6.74
C GLN A 65 33.11 17.86 -6.02
N ASP A 66 33.97 16.90 -5.69
CA ASP A 66 33.52 15.72 -4.97
C ASP A 66 33.95 15.76 -3.50
N ARG A 67 34.24 16.96 -3.01
CA ARG A 67 34.66 17.16 -1.62
C ARG A 67 33.61 18.02 -0.89
N HIS A 68 32.62 17.36 -0.29
CA HIS A 68 31.56 18.09 0.40
C HIS A 68 30.64 17.17 1.17
N PHE A 69 29.82 17.77 2.02
CA PHE A 69 28.81 17.06 2.79
C PHE A 69 27.52 17.84 2.57
N HIS A 70 26.41 17.14 2.31
CA HIS A 70 25.14 17.84 2.14
C HIS A 70 23.93 16.97 2.48
N ILE A 71 22.87 17.64 2.94
CA ILE A 71 21.58 17.00 3.24
C ILE A 71 20.69 17.55 2.13
N TYR A 72 20.02 16.67 1.39
CA TYR A 72 19.19 17.10 0.27
C TYR A 72 17.83 16.40 0.24
N ILE A 73 16.95 16.95 -0.60
CA ILE A 73 15.62 16.40 -0.85
C ILE A 73 15.43 16.33 -2.37
N THR A 74 14.49 15.52 -2.84
CA THR A 74 14.23 15.41 -4.28
C THR A 74 12.80 15.86 -4.55
N ASN A 75 12.49 16.21 -5.79
CA ASN A 75 11.14 16.63 -6.13
C ASN A 75 10.11 15.49 -5.99
N SER A 76 10.60 14.28 -5.78
CA SER A 76 9.73 13.12 -5.61
C SER A 76 9.60 12.71 -4.15
N GLY A 77 10.03 13.58 -3.24
CA GLY A 77 9.92 13.31 -1.81
C GLY A 77 11.01 12.50 -1.13
N GLY A 78 12.11 12.23 -1.83
CA GLY A 78 13.20 11.49 -1.23
C GLY A 78 14.02 12.43 -0.35
N ILE A 79 14.79 11.87 0.57
CA ILE A 79 15.67 12.68 1.42
C ILE A 79 16.95 11.87 1.64
N GLY A 80 18.08 12.54 1.76
CA GLY A 80 19.31 11.81 1.98
C GLY A 80 20.53 12.69 2.23
N ILE A 81 21.69 12.05 2.33
CA ILE A 81 22.94 12.77 2.54
C ILE A 81 24.03 12.12 1.70
N GLU A 82 25.08 12.90 1.46
CA GLU A 82 26.26 12.44 0.75
C GLU A 82 27.42 13.10 1.53
N LEU A 83 28.36 12.28 1.98
CA LEU A 83 29.55 12.73 2.72
C LEU A 83 30.70 12.28 1.82
N ARG A 84 31.36 13.24 1.19
CA ARG A 84 32.42 12.93 0.22
C ARG A 84 33.73 13.70 0.32
N ASN A 85 34.81 13.05 -0.11
CA ASN A 85 36.15 13.67 -0.17
C ASN A 85 36.87 12.94 -1.31
N THR A 86 36.16 12.83 -2.43
CA THR A 86 36.56 12.10 -3.65
C THR A 86 36.36 10.61 -3.34
N ASP A 87 35.92 9.86 -4.33
CA ASP A 87 35.62 8.44 -4.18
C ASP A 87 36.74 7.54 -3.67
N GLY A 88 37.99 7.90 -3.97
CA GLY A 88 39.12 7.12 -3.49
C GLY A 88 39.36 7.27 -1.99
N VAL A 89 38.88 8.37 -1.39
CA VAL A 89 39.04 8.60 0.04
C VAL A 89 37.76 8.09 0.76
N PHE A 90 36.61 8.66 0.42
CA PHE A 90 35.32 8.18 0.95
C PHE A 90 34.12 8.80 0.25
N ASN A 91 33.05 8.03 0.19
CA ASN A 91 31.78 8.45 -0.43
C ASN A 91 30.67 7.70 0.32
N TYR A 92 30.23 8.30 1.42
CA TYR A 92 29.19 7.72 2.27
C TYR A 92 27.85 8.32 1.90
N THR A 93 26.85 7.47 1.66
CA THR A 93 25.52 7.96 1.29
C THR A 93 24.43 7.25 2.10
N LEU A 94 23.31 7.92 2.29
CA LEU A 94 22.17 7.37 3.02
C LEU A 94 20.92 8.12 2.54
N ASP A 95 19.84 7.39 2.29
CA ASP A 95 18.61 8.03 1.82
C ASP A 95 17.40 7.12 2.01
N ARG A 96 16.21 7.70 1.85
CA ARG A 96 14.97 6.93 1.89
C ARG A 96 13.96 7.69 1.04
N PRO A 97 13.41 7.03 -0.01
CA PRO A 97 12.42 7.63 -0.91
C PRO A 97 11.11 7.93 -0.16
N ALA A 98 10.28 8.77 -0.76
CA ALA A 98 8.97 9.12 -0.23
C ALA A 98 8.94 9.43 1.28
N SER A 99 9.86 10.29 1.73
CA SER A 99 9.97 10.67 3.14
C SER A 99 9.39 12.04 3.48
N VAL A 100 9.31 12.93 2.50
CA VAL A 100 8.77 14.28 2.69
C VAL A 100 7.73 14.57 1.59
N ARG A 101 6.98 15.65 1.75
CA ARG A 101 5.97 16.03 0.77
C ARG A 101 6.19 17.49 0.41
N ALA A 102 5.49 17.98 -0.61
CA ALA A 102 5.69 19.37 -1.03
C ALA A 102 4.46 20.23 -0.86
N LEU A 103 3.31 19.67 -1.23
CA LEU A 103 2.04 20.39 -1.19
C LEU A 103 0.97 19.57 -0.47
N TYR A 104 0.14 20.27 0.31
CA TYR A 104 -0.94 19.65 1.05
C TYR A 104 -2.13 20.63 1.03
N LYS A 105 -3.25 20.16 0.52
CA LYS A 105 -4.47 20.96 0.40
C LYS A 105 -4.24 22.30 -0.30
N GLY A 106 -3.58 22.23 -1.46
CA GLY A 106 -3.32 23.41 -2.26
C GLY A 106 -2.17 24.31 -1.89
N GLU A 107 -1.53 24.08 -0.75
CA GLU A 107 -0.41 24.93 -0.37
C GLU A 107 0.90 24.23 0.01
N ARG A 108 2.01 24.92 -0.26
CA ARG A 108 3.34 24.40 0.04
C ARG A 108 3.45 24.36 1.56
N VAL A 109 3.89 23.22 2.08
CA VAL A 109 4.00 23.05 3.53
C VAL A 109 5.42 22.76 4.01
N PHE A 110 5.68 23.06 5.28
CA PHE A 110 6.99 22.83 5.87
C PHE A 110 7.20 21.39 6.32
N ASN A 111 8.42 20.90 6.14
CA ASN A 111 8.80 19.55 6.55
C ASN A 111 9.97 19.80 7.52
N THR A 112 10.15 18.91 8.49
CA THR A 112 11.23 19.06 9.44
C THR A 112 12.08 17.80 9.37
N VAL A 113 13.36 17.99 9.11
CA VAL A 113 14.29 16.88 8.95
C VAL A 113 15.50 17.00 9.88
N ALA A 114 16.25 15.90 10.03
CA ALA A 114 17.44 15.89 10.88
C ALA A 114 18.43 14.80 10.52
N LEU A 115 19.71 15.15 10.62
CA LEU A 115 20.78 14.19 10.39
C LEU A 115 21.58 14.15 11.69
N LYS A 116 21.93 12.96 12.10
CA LYS A 116 22.71 12.75 13.31
C LYS A 116 23.97 11.95 12.94
N ALA A 117 25.14 12.53 13.21
CA ALA A 117 26.42 11.86 12.94
C ALA A 117 26.99 11.58 14.34
N ASP A 118 26.83 10.34 14.77
CA ASP A 118 27.22 9.87 16.09
C ASP A 118 28.60 9.21 16.06
N ALA A 119 29.64 9.97 16.38
CA ALA A 119 31.01 9.44 16.37
C ALA A 119 31.18 8.26 17.33
N ALA A 120 30.69 8.42 18.56
CA ALA A 120 30.80 7.38 19.57
C ALA A 120 30.21 6.04 19.13
N ASN A 121 29.11 6.09 18.39
CA ASN A 121 28.49 4.85 17.93
C ASN A 121 28.79 4.55 16.47
N LYS A 122 29.61 5.40 15.83
CA LYS A 122 30.02 5.23 14.43
C LYS A 122 28.79 4.94 13.57
N GLN A 123 27.83 5.84 13.65
CA GLN A 123 26.56 5.67 12.97
C GLN A 123 25.95 7.01 12.55
N CYS A 124 25.20 6.97 11.44
CA CYS A 124 24.51 8.13 10.90
C CYS A 124 23.02 7.77 10.84
N ARG A 125 22.15 8.73 11.19
CA ARG A 125 20.71 8.50 11.16
C ARG A 125 19.94 9.69 10.59
N LEU A 126 18.99 9.38 9.72
CA LEU A 126 18.15 10.40 9.07
C LEU A 126 16.73 10.35 9.63
N PHE A 127 16.17 11.52 9.91
CA PHE A 127 14.83 11.65 10.45
C PHE A 127 14.05 12.68 9.65
N ALA A 128 12.73 12.53 9.60
CA ALA A 128 11.87 13.49 8.91
C ALA A 128 10.45 13.31 9.38
N ASN A 129 9.81 14.44 9.70
CA ASN A 129 8.43 14.49 10.13
C ASN A 129 8.01 13.49 11.21
N GLY A 130 8.85 13.34 12.22
CA GLY A 130 8.57 12.44 13.33
C GLY A 130 8.96 10.99 13.16
N GLU A 131 9.68 10.67 12.08
CA GLU A 131 10.08 9.30 11.81
C GLU A 131 11.57 9.09 11.58
N LEU A 132 12.10 7.95 12.05
CA LEU A 132 13.49 7.58 11.82
C LEU A 132 13.40 6.90 10.45
N LEU A 133 14.04 7.50 9.46
CA LEU A 133 13.99 6.98 8.10
C LEU A 133 15.03 5.94 7.71
N ALA A 134 16.28 6.16 8.11
CA ALA A 134 17.34 5.23 7.73
C ALA A 134 18.57 5.31 8.64
N THR A 135 19.41 4.29 8.59
CA THR A 135 20.62 4.21 9.40
C THR A 135 21.81 3.70 8.59
N LEU A 136 22.98 4.28 8.83
CA LEU A 136 24.21 3.85 8.17
C LEU A 136 25.29 3.65 9.22
N ASP A 137 25.88 2.47 9.23
CA ASP A 137 26.96 2.12 10.16
C ASP A 137 28.25 2.01 9.36
N LYS A 138 29.32 2.61 9.89
CA LYS A 138 30.63 2.57 9.24
C LYS A 138 31.72 2.39 10.29
N ASP A 139 32.62 1.44 10.06
CA ASP A 139 33.72 1.20 11.00
C ASP A 139 34.70 2.38 10.96
N ALA A 140 34.87 2.97 9.79
CA ALA A 140 35.74 4.12 9.64
C ALA A 140 34.83 5.33 9.59
N PHE A 141 34.45 5.82 10.77
CA PHE A 141 33.57 6.97 10.87
C PHE A 141 34.24 8.23 10.32
N LYS A 142 33.50 9.02 9.56
CA LYS A 142 34.01 10.25 8.97
C LYS A 142 33.00 11.38 9.10
N PHE A 143 33.47 12.62 9.08
CA PHE A 143 32.58 13.76 9.08
C PHE A 143 33.25 14.94 8.41
N ILE A 144 32.71 16.13 8.61
CA ILE A 144 33.22 17.34 7.97
C ILE A 144 34.73 17.59 8.17
N SER A 145 35.25 17.22 9.34
CA SER A 145 36.66 17.38 9.67
C SER A 145 37.56 16.55 8.75
N ASP A 146 36.97 15.57 8.08
CA ASP A 146 37.70 14.67 7.18
C ASP A 146 37.67 15.09 5.70
N ILE A 147 36.97 16.18 5.39
CA ILE A 147 36.91 16.69 4.02
C ILE A 147 38.11 17.65 3.82
N THR A 148 38.82 17.51 2.71
CA THR A 148 40.00 18.33 2.41
C THR A 148 39.68 19.69 1.80
N GLY A 149 40.19 20.76 2.42
CA GLY A 149 39.97 22.10 1.90
C GLY A 149 38.60 22.73 2.02
N VAL A 150 37.87 22.42 3.09
CA VAL A 150 36.55 23.02 3.29
C VAL A 150 36.69 24.54 3.31
N ASP A 151 35.82 25.23 2.58
CA ASP A 151 35.87 26.69 2.52
C ASP A 151 34.51 27.37 2.53
N ASN A 152 33.43 26.63 2.80
CA ASN A 152 32.11 27.25 2.79
C ASN A 152 31.05 26.44 3.53
N VAL A 153 30.02 27.15 4.00
CA VAL A 153 28.85 26.58 4.67
C VAL A 153 27.73 27.26 3.89
N THR A 154 26.90 26.45 3.23
CA THR A 154 25.85 26.97 2.37
C THR A 154 24.46 26.35 2.58
N LEU A 155 23.45 27.20 2.45
CA LEU A 155 22.05 26.82 2.54
C LEU A 155 21.51 26.86 1.10
N GLY A 156 20.64 25.90 0.77
CA GLY A 156 20.02 25.88 -0.56
C GLY A 156 20.82 25.41 -1.76
N GLY A 157 21.96 24.76 -1.52
CA GLY A 157 22.78 24.30 -2.62
C GLY A 157 24.12 23.79 -2.12
N THR A 158 24.90 23.21 -3.01
CA THR A 158 26.23 22.69 -2.69
C THR A 158 27.19 23.35 -3.67
N LYS A 159 28.20 24.07 -3.18
CA LYS A 159 29.14 24.74 -4.06
C LYS A 159 30.13 23.77 -4.69
N ARG A 160 30.11 23.69 -6.01
CA ARG A 160 30.98 22.78 -6.77
C ARG A 160 31.67 23.61 -7.86
N GLN A 161 32.99 23.73 -7.77
CA GLN A 161 33.77 24.52 -8.72
C GLN A 161 33.17 25.90 -8.94
N GLY A 162 32.83 26.54 -7.82
CA GLY A 162 32.27 27.89 -7.85
C GLY A 162 30.85 28.06 -8.32
N LYS A 163 30.10 26.97 -8.49
CA LYS A 163 28.72 27.02 -8.97
C LYS A 163 27.80 26.45 -7.92
N ILE A 164 26.53 26.88 -7.93
CA ILE A 164 25.54 26.35 -6.99
C ILE A 164 24.94 25.09 -7.62
N ALA A 165 25.29 23.93 -7.07
CA ALA A 165 24.76 22.67 -7.55
C ALA A 165 23.59 22.25 -6.65
N TYR A 166 22.77 21.31 -7.14
CA TYR A 166 21.60 20.81 -6.40
C TYR A 166 20.83 22.01 -5.84
N PRO A 167 20.37 22.92 -6.74
CA PRO A 167 19.66 24.14 -6.38
C PRO A 167 18.28 24.04 -5.75
N PHE A 168 18.20 24.52 -4.51
CA PHE A 168 16.96 24.57 -3.75
C PHE A 168 16.25 25.89 -4.05
N GLY A 169 14.94 25.90 -3.87
CA GLY A 169 14.15 27.11 -4.07
C GLY A 169 13.09 27.04 -3.00
N GLY A 170 12.93 28.12 -2.22
CA GLY A 170 11.92 28.11 -1.16
C GLY A 170 12.36 28.84 0.10
N THR A 171 12.00 28.29 1.26
CA THR A 171 12.32 28.89 2.55
C THR A 171 12.91 27.91 3.57
N ILE A 172 13.96 28.33 4.26
CA ILE A 172 14.53 27.53 5.33
C ILE A 172 13.93 28.18 6.56
N GLY A 173 12.91 27.53 7.13
CA GLY A 173 12.24 28.06 8.30
C GLY A 173 13.18 28.22 9.48
N ASP A 174 14.00 27.20 9.74
CA ASP A 174 14.95 27.24 10.84
C ASP A 174 15.98 26.15 10.65
N ILE A 175 17.20 26.41 11.11
CA ILE A 175 18.29 25.44 11.05
C ILE A 175 19.12 25.60 12.33
N LYS A 176 19.43 24.47 12.94
CA LYS A 176 20.22 24.42 14.17
C LYS A 176 21.29 23.38 13.94
N VAL A 177 22.55 23.76 14.16
CA VAL A 177 23.68 22.84 13.99
C VAL A 177 24.31 22.66 15.37
N TYR A 178 24.37 21.41 15.83
CA TYR A 178 24.95 21.04 17.14
C TYR A 178 26.23 20.24 16.95
N SER A 179 27.20 20.44 17.83
CA SER A 179 28.44 19.69 17.76
C SER A 179 28.22 18.33 18.42
N ASN A 180 27.18 18.23 19.22
CA ASN A 180 26.85 16.99 19.91
C ASN A 180 25.76 16.18 19.19
N ALA A 181 25.75 14.86 19.45
CA ALA A 181 24.77 13.98 18.83
C ALA A 181 23.53 13.89 19.74
N LEU A 182 22.42 14.48 19.33
CA LEU A 182 21.19 14.43 20.12
C LEU A 182 20.62 13.02 20.08
N SER A 183 19.74 12.67 21.01
CA SER A 183 19.18 11.32 21.04
C SER A 183 18.10 11.14 19.98
N ASP A 184 17.85 9.89 19.60
CA ASP A 184 16.82 9.59 18.60
C ASP A 184 15.47 10.12 19.06
N GLU A 185 15.22 10.02 20.37
CA GLU A 185 13.97 10.49 20.95
C GLU A 185 13.81 12.00 20.73
N GLU A 186 14.87 12.75 21.00
CA GLU A 186 14.84 14.20 20.81
C GLU A 186 14.57 14.56 19.35
N LEU A 187 15.15 13.79 18.43
CA LEU A 187 14.99 14.06 17.01
C LEU A 187 13.61 13.67 16.50
N ILE A 188 13.04 12.59 17.03
CA ILE A 188 11.69 12.16 16.65
C ILE A 188 10.73 13.28 17.07
N GLN A 189 10.93 13.76 18.29
CA GLN A 189 10.13 14.82 18.87
C GLN A 189 10.29 16.14 18.09
N ALA A 190 11.52 16.53 17.82
CA ALA A 190 11.80 17.76 17.09
C ALA A 190 11.22 17.76 15.67
N THR A 191 11.43 16.66 14.94
CA THR A 191 10.92 16.59 13.57
C THR A 191 9.42 16.30 13.47
N GLY A 192 8.85 15.74 14.54
CA GLY A 192 7.44 15.41 14.58
C GLY A 192 6.50 16.61 14.66
N VAL A 193 7.08 17.81 14.70
CA VAL A 193 6.32 19.05 14.77
C VAL A 193 5.49 19.30 13.50
N THR A 194 5.89 18.65 12.41
CA THR A 194 5.17 18.80 11.15
C THR A 194 4.73 17.43 10.61
N THR A 195 3.43 17.17 10.61
CA THR A 195 2.88 15.91 10.05
C THR A 195 1.65 16.28 9.23
N TYR A 196 1.35 15.48 8.21
CA TYR A 196 0.20 15.74 7.34
C TYR A 196 -0.57 14.45 7.14
N GLY A 197 -1.89 14.51 7.34
CA GLY A 197 -2.73 13.34 7.22
C GLY A 197 -2.48 12.48 8.44
N GLU A 198 -3.07 11.29 8.49
CA GLU A 198 -2.84 10.42 9.63
C GLU A 198 -2.69 8.97 9.23
N ASN A 199 -2.25 8.15 10.17
CA ASN A 199 -2.07 6.73 9.94
C ASN A 199 -3.23 6.01 10.61
N ILE A 200 -3.66 4.90 10.02
CA ILE A 200 -4.70 4.07 10.63
C ILE A 200 -3.88 2.89 11.16
N PHE A 201 -3.16 2.25 10.25
CA PHE A 201 -2.28 1.14 10.57
C PHE A 201 -0.86 1.75 10.56
N TYR A 202 0.04 1.24 11.40
CA TYR A 202 1.41 1.78 11.42
C TYR A 202 2.40 0.77 12.00
N ALA A 203 3.68 0.94 11.64
CA ALA A 203 4.73 0.06 12.12
C ALA A 203 4.87 0.25 13.64
N GLY A 204 4.52 -0.80 14.39
CA GLY A 204 4.59 -0.71 15.83
C GLY A 204 3.23 -0.98 16.48
N ASP A 205 2.16 -0.98 15.70
CA ASP A 205 0.83 -1.26 16.25
C ASP A 205 0.68 -2.75 16.55
N VAL A 206 -0.46 -3.16 17.11
CA VAL A 206 -0.66 -4.57 17.47
C VAL A 206 -0.70 -5.59 16.33
N THR A 207 -0.67 -5.16 15.08
CA THR A 207 -0.68 -6.13 13.99
C THR A 207 0.68 -6.82 13.92
N GLU A 208 1.69 -6.15 14.47
CA GLU A 208 3.08 -6.63 14.48
C GLU A 208 3.69 -6.66 13.08
N SER A 209 3.11 -5.89 12.16
CA SER A 209 3.63 -5.80 10.81
C SER A 209 4.29 -4.45 10.62
N ASN A 210 5.44 -4.43 9.96
CA ASN A 210 6.12 -3.18 9.70
C ASN A 210 5.63 -2.52 8.41
N TYR A 211 4.95 -3.28 7.56
CA TYR A 211 4.50 -2.76 6.27
C TYR A 211 3.01 -2.99 5.97
N PHE A 212 2.42 -2.08 5.21
CA PHE A 212 1.01 -2.17 4.82
C PHE A 212 0.82 -1.74 3.37
N ARG A 213 -0.18 -2.32 2.73
CA ARG A 213 -0.51 -2.00 1.34
C ARG A 213 -1.97 -2.37 1.06
N ILE A 214 -2.46 -1.94 -0.09
CA ILE A 214 -3.82 -2.23 -0.57
C ILE A 214 -4.96 -1.78 0.34
N PRO A 215 -5.22 -0.46 0.38
CA PRO A 215 -6.29 0.11 1.21
C PRO A 215 -7.75 -0.16 0.80
N SER A 216 -8.60 -0.22 1.83
CA SER A 216 -10.05 -0.39 1.69
C SER A 216 -10.63 0.53 2.77
N LEU A 217 -11.61 1.35 2.40
CA LEU A 217 -12.25 2.31 3.29
C LEU A 217 -13.74 2.36 2.94
N LEU A 218 -14.61 2.30 3.93
CA LEU A 218 -16.06 2.32 3.67
C LEU A 218 -16.88 2.86 4.84
N THR A 219 -17.78 3.79 4.55
CA THR A 219 -18.64 4.34 5.59
C THR A 219 -19.92 3.49 5.61
N LEU A 220 -20.27 2.96 6.79
CA LEU A 220 -21.47 2.13 6.95
C LEU A 220 -22.72 3.00 7.10
N SER A 221 -23.89 2.40 6.86
CA SER A 221 -25.16 3.12 6.97
C SER A 221 -25.40 3.67 8.36
N THR A 222 -24.70 3.09 9.34
CA THR A 222 -24.79 3.51 10.74
C THR A 222 -23.91 4.74 11.05
N GLY A 223 -22.99 5.08 10.16
CA GLY A 223 -22.10 6.21 10.39
C GLY A 223 -20.67 5.78 10.74
N THR A 224 -20.50 4.53 11.15
CA THR A 224 -19.18 4.02 11.47
C THR A 224 -18.36 3.90 10.18
N VAL A 225 -17.08 4.28 10.23
CA VAL A 225 -16.22 4.14 9.05
C VAL A 225 -15.31 2.96 9.34
N ILE A 226 -15.19 2.03 8.39
CA ILE A 226 -14.33 0.87 8.56
C ILE A 226 -13.23 0.87 7.52
N SER A 227 -12.15 0.16 7.81
CA SER A 227 -11.02 0.10 6.90
C SER A 227 -10.29 -1.22 7.04
N ALA A 228 -9.59 -1.61 5.98
CA ALA A 228 -8.81 -2.83 5.98
C ALA A 228 -7.60 -2.60 5.09
N ALA A 229 -6.60 -3.46 5.21
CA ALA A 229 -5.37 -3.35 4.42
C ALA A 229 -4.52 -4.59 4.61
N ASP A 230 -3.67 -4.88 3.62
CA ASP A 230 -2.75 -6.00 3.71
C ASP A 230 -1.74 -5.61 4.81
N ALA A 231 -1.44 -6.54 5.71
CA ALA A 231 -0.41 -6.35 6.73
C ALA A 231 0.70 -7.22 6.14
N ARG A 232 1.61 -6.57 5.39
CA ARG A 232 2.70 -7.28 4.72
C ARG A 232 3.95 -7.35 5.61
N TYR A 233 4.15 -8.51 6.22
CA TYR A 233 5.25 -8.72 7.15
C TYR A 233 6.66 -8.81 6.53
N GLY A 234 6.79 -9.54 5.43
CA GLY A 234 8.08 -9.71 4.79
C GLY A 234 8.34 -8.72 3.67
N GLY A 235 8.39 -7.45 4.04
CA GLY A 235 8.57 -6.40 3.06
C GLY A 235 7.23 -6.12 2.38
N THR A 236 7.25 -5.27 1.36
CA THR A 236 6.03 -4.93 0.64
C THR A 236 5.72 -5.84 -0.56
N HIS A 237 6.39 -6.99 -0.63
CA HIS A 237 6.22 -7.96 -1.72
C HIS A 237 4.81 -8.56 -1.79
N ASP A 238 4.32 -8.81 -3.01
CA ASP A 238 3.02 -9.45 -3.18
C ASP A 238 3.18 -10.89 -2.78
N SER A 239 2.04 -11.58 -2.71
CA SER A 239 2.03 -12.97 -2.33
C SER A 239 3.03 -13.94 -2.89
N LYS A 240 3.36 -14.81 -1.94
CA LYS A 240 4.35 -15.85 -1.90
C LYS A 240 5.10 -14.94 -0.94
N SER A 241 4.54 -14.85 0.26
CA SER A 241 5.05 -14.04 1.34
C SER A 241 4.17 -14.36 2.54
N LYS A 242 4.35 -13.61 3.62
CA LYS A 242 3.55 -13.79 4.82
C LYS A 242 2.76 -12.49 4.89
N ILE A 243 1.45 -12.58 4.64
CA ILE A 243 0.56 -11.40 4.66
C ILE A 243 -0.77 -11.79 5.32
N ASN A 244 -1.29 -10.89 6.13
CA ASN A 244 -2.56 -11.08 6.84
C ASN A 244 -3.41 -9.86 6.45
N ILE A 245 -4.70 -9.89 6.76
CA ILE A 245 -5.54 -8.73 6.47
C ILE A 245 -5.87 -8.06 7.80
N ALA A 246 -5.54 -6.77 7.91
CA ALA A 246 -5.80 -5.98 9.12
C ALA A 246 -7.11 -5.20 8.95
N PHE A 247 -7.74 -4.86 10.08
CA PHE A 247 -9.02 -4.16 10.07
C PHE A 247 -9.06 -3.16 11.23
N ALA A 248 -9.73 -2.03 11.02
CA ALA A 248 -9.88 -0.99 12.05
C ALA A 248 -11.13 -0.16 11.75
N LYS A 249 -11.71 0.46 12.78
CA LYS A 249 -12.91 1.28 12.60
C LYS A 249 -12.86 2.62 13.35
N SER A 250 -13.70 3.56 12.90
CA SER A 250 -13.81 4.86 13.52
C SER A 250 -15.29 5.18 13.77
N THR A 251 -15.58 5.67 14.98
CA THR A 251 -16.93 6.04 15.37
C THR A 251 -17.08 7.55 15.53
N ASP A 252 -16.06 8.30 15.11
CA ASP A 252 -16.09 9.76 15.19
C ASP A 252 -15.77 10.41 13.84
N GLY A 253 -16.34 9.84 12.78
CA GLY A 253 -16.14 10.36 11.44
C GLY A 253 -14.75 10.30 10.87
N GLY A 254 -13.97 9.31 11.29
CA GLY A 254 -12.61 9.18 10.79
C GLY A 254 -11.56 10.00 11.50
N ASN A 255 -11.84 10.51 12.69
CA ASN A 255 -10.85 11.28 13.44
C ASN A 255 -9.86 10.38 14.17
N THR A 256 -10.36 9.36 14.85
CA THR A 256 -9.51 8.41 15.57
C THR A 256 -9.93 7.00 15.17
N TRP A 257 -8.98 6.07 15.23
CA TRP A 257 -9.22 4.69 14.85
C TRP A 257 -8.91 3.70 15.97
N SER A 258 -9.66 2.60 15.96
CA SER A 258 -9.52 1.54 16.96
C SER A 258 -8.22 0.77 16.81
N GLU A 259 -7.92 -0.04 17.82
CA GLU A 259 -6.75 -0.89 17.80
C GLU A 259 -7.06 -1.88 16.68
N PRO A 260 -6.16 -2.01 15.68
CA PRO A 260 -6.42 -2.95 14.58
C PRO A 260 -6.49 -4.42 14.97
N THR A 261 -7.28 -5.17 14.21
CA THR A 261 -7.44 -6.61 14.40
C THR A 261 -6.98 -7.29 13.10
N LEU A 262 -6.91 -8.62 13.11
CA LEU A 262 -6.48 -9.39 11.95
C LEU A 262 -7.57 -10.45 11.65
N PRO A 263 -8.69 -10.04 11.01
CA PRO A 263 -9.81 -10.93 10.66
C PRO A 263 -9.46 -12.14 9.77
N LEU A 264 -8.47 -11.97 8.91
CA LEU A 264 -8.02 -13.04 8.00
C LEU A 264 -6.51 -13.17 8.24
N LYS A 265 -6.07 -14.31 8.77
CA LYS A 265 -4.66 -14.52 9.05
C LYS A 265 -4.29 -15.99 9.12
N PHE A 266 -3.02 -16.27 8.89
CA PHE A 266 -2.50 -17.62 8.97
C PHE A 266 -1.41 -17.61 10.03
N ASP A 267 -1.17 -18.75 10.66
CA ASP A 267 -0.16 -18.85 11.71
C ASP A 267 0.99 -19.80 11.42
N ASP A 268 1.12 -20.26 10.18
CA ASP A 268 2.21 -21.17 9.83
C ASP A 268 3.56 -20.46 9.99
N TYR A 269 3.57 -19.15 9.76
CA TYR A 269 4.75 -18.32 9.91
C TYR A 269 4.35 -17.25 10.92
N ILE A 270 5.26 -16.96 11.86
CA ILE A 270 5.01 -15.98 12.89
C ILE A 270 4.83 -14.55 12.34
N ALA A 271 3.97 -13.78 13.00
CA ALA A 271 3.75 -12.40 12.63
C ALA A 271 4.70 -11.61 13.53
N LYS A 272 5.63 -10.87 12.93
CA LYS A 272 6.61 -10.09 13.69
C LYS A 272 7.06 -8.86 12.91
N ASN A 273 7.56 -7.85 13.62
CA ASN A 273 8.06 -6.63 13.00
C ASN A 273 9.51 -6.89 12.59
N ILE A 274 9.79 -6.82 11.30
CA ILE A 274 11.15 -7.07 10.80
C ILE A 274 11.53 -6.06 9.73
N ASP A 275 12.75 -5.52 9.83
CA ASP A 275 13.23 -4.56 8.85
C ASP A 275 13.76 -5.30 7.64
N TRP A 276 13.02 -5.22 6.53
CA TRP A 276 13.43 -5.89 5.31
C TRP A 276 14.55 -5.07 4.66
N PRO A 277 15.63 -5.75 4.22
CA PRO A 277 16.75 -5.06 3.57
C PRO A 277 16.32 -4.34 2.30
N ARG A 278 16.90 -3.17 2.08
CA ARG A 278 16.58 -2.35 0.92
C ARG A 278 17.77 -2.26 -0.04
N ASP A 279 18.80 -3.06 0.19
CA ASP A 279 19.97 -3.07 -0.69
C ASP A 279 19.59 -3.75 -2.00
N SER A 280 20.40 -3.56 -3.04
CA SER A 280 20.13 -4.11 -4.37
C SER A 280 19.93 -5.61 -4.47
N VAL A 281 20.42 -6.37 -3.49
CA VAL A 281 20.27 -7.82 -3.50
C VAL A 281 19.11 -8.24 -2.60
N GLY A 282 19.22 -7.93 -1.30
CA GLY A 282 18.21 -8.30 -0.34
C GLY A 282 16.79 -7.83 -0.61
N LYS A 283 16.64 -6.66 -1.23
CA LYS A 283 15.31 -6.13 -1.52
C LYS A 283 14.44 -7.08 -2.35
N ASN A 284 15.08 -7.90 -3.19
CA ASN A 284 14.36 -8.84 -4.07
C ASN A 284 13.96 -10.15 -3.40
N VAL A 285 14.50 -10.41 -2.22
CA VAL A 285 14.20 -11.64 -1.51
C VAL A 285 12.82 -11.61 -0.81
N GLN A 286 12.07 -12.69 -0.94
CA GLN A 286 10.75 -12.78 -0.31
C GLN A 286 10.56 -14.14 0.34
N ILE A 287 9.63 -14.21 1.29
CA ILE A 287 9.32 -15.45 2.01
C ILE A 287 8.79 -16.50 1.03
N GLN A 288 9.41 -17.68 1.07
CA GLN A 288 9.10 -18.80 0.19
C GLN A 288 8.02 -19.82 0.59
N GLY A 289 7.95 -20.21 1.86
CA GLY A 289 6.98 -21.22 2.25
C GLY A 289 5.77 -20.86 3.09
N SER A 290 5.34 -19.62 3.04
CA SER A 290 4.20 -19.17 3.83
C SER A 290 2.89 -18.98 3.07
N ALA A 291 1.79 -19.30 3.74
CA ALA A 291 0.45 -19.13 3.18
C ALA A 291 0.12 -17.67 3.49
N SER A 292 -0.82 -17.08 2.74
CA SER A 292 -1.18 -15.69 2.96
C SER A 292 -2.57 -15.30 2.46
N TYR A 293 -2.96 -14.09 2.82
CA TYR A 293 -4.21 -13.47 2.39
C TYR A 293 -3.73 -12.19 1.76
N ILE A 294 -4.37 -11.75 0.69
CA ILE A 294 -3.93 -10.55 0.00
C ILE A 294 -5.10 -9.90 -0.76
N ASP A 295 -5.08 -8.56 -0.79
CA ASP A 295 -6.08 -7.73 -1.49
C ASP A 295 -7.49 -7.78 -0.89
N PRO A 296 -7.81 -6.85 0.02
CA PRO A 296 -9.14 -6.84 0.65
C PRO A 296 -10.25 -6.06 -0.05
N VAL A 297 -11.49 -6.51 0.16
CA VAL A 297 -12.68 -5.87 -0.38
C VAL A 297 -13.68 -5.81 0.78
N LEU A 298 -14.21 -4.63 1.04
CA LEU A 298 -15.21 -4.45 2.09
C LEU A 298 -16.56 -4.13 1.42
N LEU A 299 -17.65 -4.57 2.03
CA LEU A 299 -18.98 -4.36 1.48
C LEU A 299 -20.03 -4.46 2.58
N GLU A 300 -21.08 -3.63 2.48
CA GLU A 300 -22.18 -3.65 3.44
C GLU A 300 -23.52 -3.96 2.74
N ASP A 301 -24.35 -4.76 3.40
CA ASP A 301 -25.68 -5.06 2.88
C ASP A 301 -26.53 -4.12 3.73
N LYS A 302 -26.95 -3.00 3.14
CA LYS A 302 -27.74 -2.00 3.87
C LYS A 302 -29.08 -2.48 4.42
N LEU A 303 -29.61 -3.56 3.86
CA LEU A 303 -30.89 -4.10 4.31
C LEU A 303 -30.72 -4.84 5.64
N THR A 304 -29.69 -5.68 5.73
CA THR A 304 -29.43 -6.45 6.95
C THR A 304 -28.38 -5.79 7.87
N LYS A 305 -27.67 -4.79 7.35
CA LYS A 305 -26.61 -4.07 8.07
C LYS A 305 -25.35 -4.94 8.26
N ARG A 306 -25.35 -6.12 7.65
CA ARG A 306 -24.22 -7.05 7.72
C ARG A 306 -23.05 -6.54 6.85
N ILE A 307 -21.82 -6.77 7.31
CA ILE A 307 -20.63 -6.36 6.54
C ILE A 307 -19.85 -7.60 6.15
N PHE A 308 -19.11 -7.50 5.04
CA PHE A 308 -18.34 -8.63 4.53
C PHE A 308 -16.92 -8.19 4.22
N LEU A 309 -15.98 -9.11 4.42
CA LEU A 309 -14.57 -8.87 4.12
C LEU A 309 -14.14 -10.02 3.22
N PHE A 310 -13.73 -9.68 2.00
CA PHE A 310 -13.24 -10.67 1.04
C PHE A 310 -11.73 -10.44 0.83
N ALA A 311 -11.01 -11.49 0.46
CA ALA A 311 -9.59 -11.40 0.17
C ALA A 311 -9.16 -12.66 -0.56
N ASP A 312 -8.04 -12.60 -1.28
CA ASP A 312 -7.53 -13.78 -1.96
C ASP A 312 -6.83 -14.64 -0.90
N LEU A 313 -7.04 -15.95 -0.98
CA LEU A 313 -6.41 -16.87 -0.05
C LEU A 313 -5.37 -17.66 -0.86
N MET A 314 -4.10 -17.45 -0.50
CA MET A 314 -2.96 -18.09 -1.16
C MET A 314 -2.35 -19.20 -0.30
N PRO A 315 -2.37 -20.45 -0.79
CA PRO A 315 -1.78 -21.58 -0.07
C PRO A 315 -0.29 -21.33 0.13
N ALA A 316 0.36 -22.15 0.95
CA ALA A 316 1.80 -22.01 1.23
C ALA A 316 2.67 -21.88 -0.03
N GLY A 317 3.44 -20.79 -0.08
CA GLY A 317 4.34 -20.54 -1.19
C GLY A 317 3.69 -20.16 -2.52
N ILE A 318 2.42 -19.78 -2.47
CA ILE A 318 1.72 -19.43 -3.69
C ILE A 318 1.35 -17.96 -3.78
N GLY A 319 1.32 -17.46 -5.01
CA GLY A 319 0.94 -16.10 -5.31
C GLY A 319 0.29 -16.23 -6.68
N SER A 320 -0.31 -15.17 -7.20
CA SER A 320 -0.95 -15.21 -8.52
C SER A 320 -0.04 -15.70 -9.65
N SER A 321 1.22 -15.27 -9.64
CA SER A 321 2.17 -15.64 -10.68
C SER A 321 2.54 -17.12 -10.74
N ASN A 322 2.40 -17.84 -9.63
CA ASN A 322 2.75 -19.25 -9.64
C ASN A 322 1.62 -20.19 -9.22
N ALA A 323 0.39 -19.70 -9.26
CA ALA A 323 -0.77 -20.53 -8.92
C ALA A 323 -0.97 -21.57 -10.03
N SER A 324 -1.36 -22.79 -9.64
CA SER A 324 -1.60 -23.87 -10.60
C SER A 324 -2.96 -23.68 -11.27
N VAL A 325 -3.07 -24.12 -12.52
CA VAL A 325 -4.32 -24.02 -13.26
C VAL A 325 -5.31 -25.08 -12.74
N GLY A 326 -6.49 -24.63 -12.37
CA GLY A 326 -7.52 -25.52 -11.86
C GLY A 326 -8.42 -24.79 -10.89
N SER A 327 -9.54 -25.40 -10.54
CA SER A 327 -10.49 -24.79 -9.61
C SER A 327 -10.12 -25.03 -8.15
N GLY A 328 -9.49 -26.18 -7.89
CA GLY A 328 -9.14 -26.54 -6.52
C GLY A 328 -10.27 -27.36 -5.94
N PHE A 329 -11.31 -27.59 -6.76
CA PHE A 329 -12.49 -28.36 -6.36
C PHE A 329 -12.70 -29.58 -7.25
N LYS A 330 -13.44 -30.55 -6.73
CA LYS A 330 -13.73 -31.80 -7.44
C LYS A 330 -15.23 -32.04 -7.33
N GLU A 331 -15.86 -32.47 -8.42
CA GLU A 331 -17.29 -32.72 -8.38
C GLU A 331 -17.59 -34.19 -8.09
N VAL A 332 -18.33 -34.43 -7.02
CA VAL A 332 -18.73 -35.78 -6.61
C VAL A 332 -20.21 -35.70 -6.22
N ASN A 333 -21.01 -36.59 -6.80
CA ASN A 333 -22.45 -36.64 -6.54
C ASN A 333 -23.08 -35.31 -6.96
N GLY A 334 -22.57 -34.76 -8.07
CA GLY A 334 -23.07 -33.51 -8.60
C GLY A 334 -22.79 -32.27 -7.76
N LYS A 335 -22.02 -32.43 -6.68
CA LYS A 335 -21.70 -31.34 -5.78
C LYS A 335 -20.19 -31.08 -5.77
N LYS A 336 -19.80 -29.81 -5.77
CA LYS A 336 -18.38 -29.44 -5.76
C LYS A 336 -17.81 -29.39 -4.35
N TYR A 337 -16.70 -30.11 -4.14
CA TYR A 337 -16.01 -30.15 -2.84
C TYR A 337 -14.53 -29.79 -2.98
N LEU A 338 -13.95 -29.22 -1.93
CA LEU A 338 -12.54 -28.84 -1.90
C LEU A 338 -11.72 -30.13 -1.91
N LYS A 339 -10.75 -30.24 -2.81
CA LYS A 339 -9.95 -31.46 -2.90
C LYS A 339 -8.62 -31.41 -2.15
N LEU A 340 -8.24 -32.55 -1.58
CA LEU A 340 -7.01 -32.65 -0.79
C LEU A 340 -6.08 -33.75 -1.25
N ARG A 341 -4.80 -33.53 -0.99
CA ARG A 341 -3.75 -34.48 -1.33
C ARG A 341 -3.10 -34.97 -0.03
N TRP A 342 -3.05 -36.28 0.15
CA TRP A 342 -2.42 -36.87 1.34
C TRP A 342 -0.92 -36.75 1.09
N HIS A 343 -0.19 -36.17 2.05
CA HIS A 343 1.25 -35.95 1.90
C HIS A 343 2.14 -37.11 1.47
N LYS A 344 1.65 -38.34 1.60
CA LYS A 344 2.43 -39.52 1.21
C LYS A 344 2.02 -40.09 -0.14
N ASP A 345 1.06 -39.43 -0.80
CA ASP A 345 0.57 -39.87 -2.11
C ASP A 345 1.46 -39.25 -3.20
N ALA A 346 1.15 -39.56 -4.45
CA ALA A 346 1.90 -39.02 -5.57
C ALA A 346 1.79 -37.49 -5.57
N GLY A 347 2.85 -36.84 -6.03
CA GLY A 347 2.89 -35.38 -6.07
C GLY A 347 1.68 -34.63 -6.58
N ARG A 348 0.90 -35.23 -7.48
CA ARG A 348 -0.28 -34.57 -8.02
C ARG A 348 -1.55 -35.38 -7.82
N ALA A 349 -1.57 -36.22 -6.79
CA ALA A 349 -2.72 -37.06 -6.51
C ALA A 349 -3.63 -36.49 -5.43
N TYR A 350 -4.66 -35.77 -5.86
CA TYR A 350 -5.64 -35.17 -4.94
C TYR A 350 -6.81 -36.14 -4.91
N ASP A 351 -6.68 -37.19 -4.10
CA ASP A 351 -7.69 -38.24 -3.99
C ASP A 351 -8.70 -38.14 -2.86
N TYR A 352 -8.77 -36.97 -2.22
CA TYR A 352 -9.71 -36.77 -1.11
C TYR A 352 -10.50 -35.49 -1.28
N THR A 353 -11.60 -35.37 -0.54
CA THR A 353 -12.44 -34.17 -0.59
C THR A 353 -12.99 -33.82 0.79
N ILE A 354 -13.24 -32.54 1.00
CA ILE A 354 -13.82 -32.08 2.26
C ILE A 354 -15.31 -31.98 1.94
N ARG A 355 -16.11 -32.84 2.56
CA ARG A 355 -17.54 -32.84 2.33
C ARG A 355 -18.33 -32.22 3.48
N GLU A 356 -19.62 -32.55 3.54
CA GLU A 356 -20.53 -32.04 4.57
C GLU A 356 -19.95 -32.20 5.97
N LYS A 357 -20.06 -31.13 6.76
CA LYS A 357 -19.56 -31.08 8.15
C LYS A 357 -18.03 -31.15 8.26
N GLY A 358 -17.33 -30.81 7.17
CA GLY A 358 -15.88 -30.82 7.17
C GLY A 358 -15.24 -32.20 7.19
N VAL A 359 -16.04 -33.25 7.07
CA VAL A 359 -15.52 -34.61 7.06
C VAL A 359 -14.75 -34.85 5.77
N ILE A 360 -13.55 -35.39 5.87
CA ILE A 360 -12.71 -35.67 4.71
C ILE A 360 -13.00 -37.08 4.20
N TYR A 361 -13.28 -37.20 2.90
CA TYR A 361 -13.58 -38.48 2.27
C TYR A 361 -12.49 -39.03 1.36
N ASN A 362 -12.44 -40.35 1.25
CA ASN A 362 -11.50 -41.02 0.36
C ASN A 362 -12.37 -41.18 -0.89
N ASP A 363 -12.05 -40.43 -1.94
CA ASP A 363 -12.84 -40.46 -3.16
C ASP A 363 -12.91 -41.79 -3.88
N ALA A 364 -11.81 -42.54 -3.84
CA ALA A 364 -11.75 -43.85 -4.49
C ALA A 364 -12.73 -44.83 -3.85
N THR A 365 -12.75 -44.88 -2.52
CA THR A 365 -13.64 -45.79 -1.81
C THR A 365 -14.97 -45.13 -1.43
N ASN A 366 -15.04 -43.81 -1.57
CA ASN A 366 -16.25 -43.04 -1.25
C ASN A 366 -16.62 -43.25 0.23
N GLN A 367 -15.60 -43.44 1.06
CA GLN A 367 -15.79 -43.66 2.50
C GLN A 367 -15.08 -42.57 3.31
N PRO A 368 -15.71 -42.11 4.40
CA PRO A 368 -15.10 -41.07 5.24
C PRO A 368 -13.82 -41.56 5.90
N THR A 369 -12.84 -40.68 5.98
CA THR A 369 -11.57 -41.01 6.59
C THR A 369 -11.68 -40.67 8.08
N GLU A 370 -10.58 -40.80 8.80
CA GLU A 370 -10.57 -40.50 10.23
C GLU A 370 -10.23 -39.03 10.50
N PHE A 371 -10.22 -38.22 9.44
CA PHE A 371 -9.89 -36.81 9.54
C PHE A 371 -11.05 -35.89 9.18
N ARG A 372 -11.00 -34.68 9.74
CA ARG A 372 -12.01 -33.65 9.49
C ARG A 372 -11.40 -32.28 9.73
N VAL A 373 -12.11 -31.23 9.31
CA VAL A 373 -11.65 -29.85 9.49
C VAL A 373 -12.80 -29.08 10.13
N ASP A 374 -12.48 -28.03 10.88
CA ASP A 374 -13.49 -27.18 11.49
C ASP A 374 -13.77 -25.98 10.57
N GLY A 375 -14.48 -24.98 11.10
CA GLY A 375 -14.79 -23.80 10.33
C GLY A 375 -13.59 -22.92 9.99
N GLU A 376 -12.41 -23.33 10.43
CA GLU A 376 -11.18 -22.59 10.18
C GLU A 376 -10.24 -23.37 9.27
N TYR A 377 -10.66 -24.57 8.89
CA TYR A 377 -9.88 -25.45 8.03
C TYR A 377 -8.62 -26.04 8.67
N ASN A 378 -8.64 -26.16 9.99
CA ASN A 378 -7.54 -26.77 10.75
C ASN A 378 -7.90 -28.25 10.87
N LEU A 379 -6.91 -29.12 10.68
CA LEU A 379 -7.10 -30.58 10.75
C LEU A 379 -7.35 -31.20 12.13
N TYR A 380 -8.11 -32.29 12.11
CA TYR A 380 -8.46 -33.06 13.30
C TYR A 380 -8.40 -34.54 12.92
N GLN A 381 -7.71 -35.34 13.71
CA GLN A 381 -7.64 -36.77 13.47
C GLN A 381 -8.34 -37.37 14.69
N HIS A 382 -9.49 -37.99 14.44
CA HIS A 382 -10.27 -38.60 15.51
C HIS A 382 -10.53 -37.61 16.65
N ASP A 383 -11.10 -36.46 16.28
CA ASP A 383 -11.45 -35.40 17.22
C ASP A 383 -10.32 -34.72 18.00
N THR A 384 -9.07 -35.06 17.67
CA THR A 384 -7.90 -34.47 18.31
C THR A 384 -7.28 -33.50 17.28
N ASN A 385 -7.09 -32.25 17.65
CA ASN A 385 -6.53 -31.27 16.72
C ASN A 385 -5.06 -31.56 16.43
N LEU A 386 -4.71 -31.53 15.15
CA LEU A 386 -3.33 -31.77 14.70
C LEU A 386 -2.56 -30.46 14.76
N THR A 387 -1.26 -30.56 15.00
CA THR A 387 -0.41 -29.36 15.07
C THR A 387 0.91 -29.58 14.33
N CYS A 388 1.57 -28.47 14.02
CA CYS A 388 2.86 -28.50 13.35
C CYS A 388 3.64 -27.30 13.89
N LYS A 389 4.95 -27.32 13.69
CA LYS A 389 5.81 -26.24 14.18
C LYS A 389 5.74 -24.98 13.32
N GLN A 390 5.58 -23.84 13.99
CA GLN A 390 5.52 -22.54 13.33
C GLN A 390 6.92 -22.18 12.86
N TYR A 391 7.01 -21.45 11.75
CA TYR A 391 8.29 -21.04 11.20
C TYR A 391 8.64 -19.59 11.52
N ASP A 392 9.94 -19.31 11.50
CA ASP A 392 10.46 -17.97 11.73
C ASP A 392 11.30 -17.68 10.49
N TYR A 393 11.62 -16.41 10.25
CA TYR A 393 12.38 -16.03 9.07
C TYR A 393 13.35 -14.91 9.43
N ASN A 394 14.63 -15.11 9.14
CA ASN A 394 15.68 -14.13 9.45
C ASN A 394 16.75 -14.13 8.36
N PHE A 395 17.32 -12.97 8.09
CA PHE A 395 18.38 -12.85 7.09
C PHE A 395 19.76 -13.17 7.67
N SER A 396 20.51 -13.95 6.92
CA SER A 396 21.88 -14.29 7.27
C SER A 396 22.59 -13.77 6.02
N GLY A 397 23.05 -12.53 6.08
CA GLY A 397 23.67 -11.92 4.93
C GLY A 397 22.53 -11.57 3.97
N ASN A 398 22.64 -12.00 2.72
CA ASN A 398 21.59 -11.73 1.73
C ASN A 398 20.61 -12.89 1.66
N ASN A 399 20.89 -13.95 2.42
CA ASN A 399 20.03 -15.14 2.41
C ASN A 399 18.96 -15.12 3.49
N LEU A 400 17.73 -15.48 3.10
CA LEU A 400 16.58 -15.51 4.02
C LEU A 400 16.44 -16.94 4.54
N ILE A 401 16.64 -17.11 5.85
CA ILE A 401 16.53 -18.42 6.47
C ILE A 401 15.15 -18.62 7.09
N GLU A 402 14.42 -19.61 6.58
CA GLU A 402 13.09 -19.93 7.10
C GLU A 402 13.26 -21.24 7.86
N SER A 403 13.15 -21.18 9.19
CA SER A 403 13.36 -22.36 10.03
C SER A 403 12.25 -22.63 11.03
N LYS A 404 12.06 -23.90 11.38
CA LYS A 404 11.04 -24.28 12.35
C LYS A 404 11.45 -23.78 13.72
N THR A 405 10.46 -23.45 14.55
CA THR A 405 10.70 -22.98 15.91
C THR A 405 10.14 -24.08 16.81
N ASP A 406 9.94 -23.79 18.10
CA ASP A 406 9.39 -24.81 19.00
C ASP A 406 7.91 -24.56 19.28
N VAL A 407 7.37 -23.51 18.68
CA VAL A 407 5.96 -23.15 18.85
C VAL A 407 5.03 -24.03 18.03
N ASP A 408 3.97 -24.53 18.66
CA ASP A 408 3.00 -25.37 17.98
C ASP A 408 1.78 -24.56 17.59
N VAL A 409 1.34 -24.73 16.34
CA VAL A 409 0.15 -24.06 15.83
C VAL A 409 -0.75 -25.13 15.21
N ASN A 410 -2.03 -24.83 15.06
CA ASN A 410 -2.96 -25.79 14.49
C ASN A 410 -2.64 -26.06 13.01
N MET A 411 -2.61 -27.33 12.64
CA MET A 411 -2.30 -27.74 11.27
C MET A 411 -3.45 -27.35 10.34
N ASN A 412 -3.15 -26.53 9.35
CA ASN A 412 -4.15 -26.06 8.40
C ASN A 412 -3.89 -26.64 7.00
N ILE A 413 -4.94 -26.97 6.26
CA ILE A 413 -4.80 -27.54 4.92
C ILE A 413 -4.03 -26.68 3.93
N PHE A 414 -3.82 -25.40 4.26
CA PHE A 414 -3.10 -24.47 3.39
C PHE A 414 -1.62 -24.29 3.76
N TYR A 415 -1.16 -25.05 4.74
CA TYR A 415 0.23 -24.98 5.23
C TYR A 415 1.12 -26.00 4.52
N LYS A 416 2.40 -25.68 4.35
CA LYS A 416 3.30 -26.60 3.66
C LYS A 416 3.56 -27.92 4.38
N ASN A 417 3.52 -27.92 5.71
CA ASN A 417 3.77 -29.16 6.46
C ASN A 417 2.52 -29.89 6.91
N SER A 418 1.40 -29.62 6.26
CA SER A 418 0.14 -30.27 6.61
C SER A 418 0.13 -31.68 6.02
N VAL A 419 -0.54 -32.60 6.71
CA VAL A 419 -0.65 -33.98 6.24
C VAL A 419 -1.60 -34.09 5.05
N PHE A 420 -2.55 -33.16 4.97
CA PHE A 420 -3.52 -33.09 3.88
C PHE A 420 -3.35 -31.68 3.30
N LYS A 421 -2.98 -31.59 2.03
CA LYS A 421 -2.72 -30.31 1.41
C LYS A 421 -3.70 -29.92 0.30
N ALA A 422 -4.11 -28.64 0.32
CA ALA A 422 -5.02 -28.10 -0.68
C ALA A 422 -4.33 -27.93 -2.02
N PHE A 423 -5.12 -27.90 -3.10
CA PHE A 423 -4.59 -27.72 -4.44
C PHE A 423 -3.98 -26.32 -4.50
N PRO A 424 -2.73 -26.20 -4.98
CA PRO A 424 -1.98 -24.95 -5.08
C PRO A 424 -2.40 -23.86 -6.08
N THR A 425 -3.69 -23.54 -6.12
CA THR A 425 -4.17 -22.44 -6.96
C THR A 425 -4.63 -21.41 -5.92
N ASN A 426 -5.23 -20.30 -6.35
CA ASN A 426 -5.71 -19.31 -5.39
C ASN A 426 -7.20 -19.52 -5.10
N TYR A 427 -7.63 -19.05 -3.94
CA TYR A 427 -9.03 -19.16 -3.55
C TYR A 427 -9.58 -17.80 -3.19
N LEU A 428 -10.90 -17.72 -3.06
CA LEU A 428 -11.60 -16.49 -2.68
C LEU A 428 -12.24 -16.79 -1.32
N ALA A 429 -11.81 -16.05 -0.31
CA ALA A 429 -12.31 -16.23 1.04
C ALA A 429 -13.10 -15.04 1.54
N MET A 430 -13.99 -15.28 2.50
CA MET A 430 -14.78 -14.21 3.09
C MET A 430 -15.30 -14.57 4.46
N ARG A 431 -15.59 -13.53 5.23
CA ARG A 431 -16.18 -13.65 6.57
C ARG A 431 -17.18 -12.50 6.65
N TYR A 432 -18.22 -12.66 7.45
CA TYR A 432 -19.19 -11.58 7.61
C TYR A 432 -19.24 -11.20 9.08
N SER A 433 -19.76 -10.00 9.34
CA SER A 433 -19.89 -9.49 10.70
C SER A 433 -21.17 -8.70 10.84
N ASP A 434 -21.88 -8.95 11.93
CA ASP A 434 -23.13 -8.23 12.23
C ASP A 434 -22.91 -7.25 13.38
N ASP A 435 -21.67 -7.15 13.86
CA ASP A 435 -21.36 -6.25 14.95
C ASP A 435 -20.17 -5.31 14.67
N GLU A 436 -20.05 -4.91 13.41
CA GLU A 436 -19.01 -4.01 12.95
C GLU A 436 -17.58 -4.41 13.30
N GLY A 437 -17.30 -5.71 13.21
CA GLY A 437 -15.96 -6.19 13.48
C GLY A 437 -15.65 -6.70 14.88
N ALA A 438 -16.62 -6.66 15.79
CA ALA A 438 -16.38 -7.19 17.14
C ALA A 438 -16.17 -8.71 17.05
N SER A 439 -16.80 -9.35 16.05
CA SER A 439 -16.67 -10.79 15.82
C SER A 439 -16.97 -11.07 14.34
N TRP A 440 -16.34 -12.11 13.80
CA TRP A 440 -16.53 -12.51 12.41
C TRP A 440 -16.93 -13.98 12.32
N SER A 441 -17.67 -14.33 11.28
CA SER A 441 -18.11 -15.69 11.05
C SER A 441 -16.95 -16.60 10.63
N ASP A 442 -17.25 -17.89 10.48
CA ASP A 442 -16.27 -18.87 10.06
C ASP A 442 -15.80 -18.55 8.63
N LEU A 443 -14.65 -19.12 8.26
CA LEU A 443 -14.06 -18.92 6.94
C LEU A 443 -14.92 -19.54 5.84
N ASP A 444 -15.38 -18.69 4.91
CA ASP A 444 -16.21 -19.13 3.79
C ASP A 444 -15.40 -19.04 2.51
N ILE A 445 -15.05 -20.18 1.93
CA ILE A 445 -14.32 -20.19 0.66
C ILE A 445 -15.40 -20.24 -0.42
N VAL A 446 -15.63 -19.10 -1.08
CA VAL A 446 -16.69 -18.98 -2.08
C VAL A 446 -16.29 -19.29 -3.52
N SER A 447 -15.04 -19.66 -3.76
CA SER A 447 -14.59 -19.91 -5.12
C SER A 447 -14.81 -21.30 -5.75
N SER A 448 -15.90 -21.97 -5.38
CA SER A 448 -16.17 -23.28 -5.98
C SER A 448 -16.44 -23.09 -7.47
N PHE A 449 -16.88 -21.89 -7.85
CA PHE A 449 -17.16 -21.54 -9.24
C PHE A 449 -15.92 -21.23 -10.09
N LYS A 450 -14.73 -21.27 -9.48
CA LYS A 450 -13.48 -20.97 -10.20
C LYS A 450 -13.37 -21.86 -11.44
N PRO A 451 -13.33 -21.26 -12.64
CA PRO A 451 -13.21 -22.05 -13.87
C PRO A 451 -12.00 -22.99 -13.84
N GLU A 452 -12.23 -24.25 -14.16
CA GLU A 452 -11.17 -25.25 -14.15
C GLU A 452 -10.02 -24.94 -15.11
N VAL A 453 -10.28 -24.04 -16.08
CA VAL A 453 -9.26 -23.63 -17.05
C VAL A 453 -8.52 -22.35 -16.60
N SER A 454 -8.86 -21.83 -15.43
CA SER A 454 -8.22 -20.60 -14.95
C SER A 454 -6.97 -20.81 -14.11
N LYS A 455 -6.00 -19.90 -14.27
CA LYS A 455 -4.76 -19.95 -13.50
C LYS A 455 -5.08 -19.31 -12.14
N PHE A 456 -5.71 -18.14 -12.17
CA PHE A 456 -6.09 -17.44 -10.96
C PHE A 456 -7.38 -16.64 -11.20
N LEU A 457 -8.18 -16.49 -10.16
CA LEU A 457 -9.42 -15.72 -10.19
C LEU A 457 -9.34 -14.99 -8.85
N VAL A 458 -9.07 -13.70 -8.91
CA VAL A 458 -8.88 -12.88 -7.72
C VAL A 458 -9.79 -11.66 -7.68
N VAL A 459 -9.78 -10.95 -6.56
CA VAL A 459 -10.63 -9.77 -6.40
C VAL A 459 -9.97 -8.48 -6.88
N GLY A 460 -10.81 -7.49 -7.17
CA GLY A 460 -10.36 -6.17 -7.53
C GLY A 460 -10.47 -5.46 -6.18
N PRO A 461 -9.34 -5.22 -5.48
CA PRO A 461 -9.35 -4.55 -4.16
C PRO A 461 -10.04 -3.20 -4.04
N GLY A 462 -10.64 -2.98 -2.87
CA GLY A 462 -11.35 -1.75 -2.59
C GLY A 462 -12.66 -2.11 -1.90
N ILE A 463 -13.79 -1.76 -2.53
CA ILE A 463 -15.11 -2.04 -1.98
C ILE A 463 -16.00 -2.71 -3.03
N GLY A 464 -17.08 -3.33 -2.57
CA GLY A 464 -18.03 -3.96 -3.47
C GLY A 464 -19.18 -2.98 -3.65
N LYS A 465 -20.29 -3.43 -4.24
CA LYS A 465 -21.43 -2.54 -4.45
C LYS A 465 -22.78 -3.28 -4.34
N GLN A 466 -23.76 -2.63 -3.71
CA GLN A 466 -25.11 -3.17 -3.58
C GLN A 466 -26.03 -2.27 -4.40
N ILE A 467 -26.82 -2.86 -5.29
CA ILE A 467 -27.74 -2.11 -6.13
C ILE A 467 -28.87 -1.57 -5.25
N SER A 468 -29.11 -0.27 -5.33
CA SER A 468 -30.12 0.37 -4.51
C SER A 468 -31.49 0.50 -5.17
N THR A 469 -31.55 0.40 -6.49
CA THR A 469 -32.83 0.55 -7.16
C THR A 469 -33.02 -0.31 -8.41
N GLY A 470 -34.27 -0.38 -8.87
CA GLY A 470 -34.59 -1.17 -10.04
C GLY A 470 -34.96 -2.59 -9.70
N GLU A 471 -35.13 -3.41 -10.72
CA GLU A 471 -35.51 -4.80 -10.54
C GLU A 471 -34.53 -5.66 -9.75
N ASN A 472 -33.24 -5.31 -9.80
CA ASN A 472 -32.22 -6.07 -9.06
C ASN A 472 -31.79 -5.41 -7.76
N ALA A 473 -32.61 -4.48 -7.26
CA ALA A 473 -32.30 -3.80 -6.02
C ALA A 473 -32.03 -4.85 -4.94
N GLY A 474 -30.96 -4.65 -4.17
CA GLY A 474 -30.61 -5.58 -3.12
C GLY A 474 -29.46 -6.50 -3.46
N ARG A 475 -29.20 -6.67 -4.76
CA ARG A 475 -28.11 -7.53 -5.23
C ARG A 475 -26.74 -7.00 -4.79
N LEU A 476 -25.89 -7.92 -4.33
CA LEU A 476 -24.52 -7.63 -3.86
C LEU A 476 -23.53 -8.01 -4.95
N LEU A 477 -22.57 -7.14 -5.25
CA LEU A 477 -21.56 -7.43 -6.27
C LEU A 477 -20.14 -7.12 -5.82
N VAL A 478 -19.21 -7.98 -6.23
CA VAL A 478 -17.79 -7.84 -5.95
C VAL A 478 -17.03 -8.05 -7.26
N PRO A 479 -16.16 -7.08 -7.64
CA PRO A 479 -15.38 -7.18 -8.88
C PRO A 479 -14.25 -8.21 -8.76
N LEU A 480 -14.02 -8.94 -9.86
CA LEU A 480 -13.01 -9.99 -9.94
C LEU A 480 -12.21 -9.85 -11.25
N TYR A 481 -11.09 -10.56 -11.34
CA TYR A 481 -10.30 -10.57 -12.58
C TYR A 481 -9.50 -11.86 -12.61
N SER A 482 -9.20 -12.33 -13.81
CA SER A 482 -8.51 -13.60 -13.94
C SER A 482 -7.70 -13.82 -15.20
N LYS A 483 -7.00 -14.95 -15.19
CA LYS A 483 -6.24 -15.44 -16.32
C LYS A 483 -7.04 -16.70 -16.65
N SER A 484 -7.94 -16.59 -17.62
CA SER A 484 -8.79 -17.69 -18.05
C SER A 484 -9.55 -17.30 -19.32
N SER A 485 -10.82 -17.70 -19.41
CA SER A 485 -11.68 -17.40 -20.55
C SER A 485 -12.05 -15.93 -20.59
N ALA A 486 -12.00 -15.29 -19.42
CA ALA A 486 -12.32 -13.88 -19.28
C ALA A 486 -11.28 -13.22 -18.37
N GLU A 487 -11.15 -11.91 -18.49
CA GLU A 487 -10.25 -11.12 -17.66
C GLU A 487 -11.11 -10.52 -16.55
N LEU A 488 -11.94 -9.55 -16.90
CA LEU A 488 -12.83 -8.91 -15.95
C LEU A 488 -13.98 -9.89 -15.65
N GLY A 489 -14.39 -9.95 -14.39
CA GLY A 489 -15.46 -10.83 -13.98
C GLY A 489 -16.10 -10.27 -12.73
N PHE A 490 -17.19 -10.89 -12.26
CA PHE A 490 -17.89 -10.44 -11.05
C PHE A 490 -18.54 -11.63 -10.36
N MET A 491 -18.81 -11.47 -9.07
CA MET A 491 -19.56 -12.50 -8.34
C MET A 491 -20.67 -11.69 -7.68
N TYR A 492 -21.90 -12.21 -7.76
CA TYR A 492 -23.04 -11.50 -7.18
C TYR A 492 -23.91 -12.41 -6.32
N SER A 493 -24.70 -11.82 -5.45
CA SER A 493 -25.58 -12.56 -4.56
C SER A 493 -26.94 -11.88 -4.44
N ASP A 494 -27.99 -12.69 -4.56
CA ASP A 494 -29.37 -12.20 -4.45
C ASP A 494 -29.98 -12.62 -3.12
N ASP A 495 -29.25 -13.41 -2.34
CA ASP A 495 -29.72 -13.86 -1.04
C ASP A 495 -28.87 -13.32 0.10
N HIS A 496 -28.52 -12.03 0.00
CA HIS A 496 -27.78 -11.31 1.02
C HIS A 496 -26.44 -11.89 1.47
N GLY A 497 -25.73 -12.50 0.52
CA GLY A 497 -24.42 -13.04 0.80
C GLY A 497 -24.32 -14.53 1.10
N ASP A 498 -25.45 -15.21 1.19
CA ASP A 498 -25.42 -16.65 1.47
C ASP A 498 -24.83 -17.46 0.33
N ASN A 499 -25.14 -17.08 -0.91
CA ASN A 499 -24.65 -17.78 -2.09
C ASN A 499 -24.20 -16.79 -3.17
N TRP A 500 -23.17 -17.18 -3.92
CA TRP A 500 -22.63 -16.31 -4.96
C TRP A 500 -22.59 -16.95 -6.33
N THR A 501 -22.77 -16.14 -7.36
CA THR A 501 -22.76 -16.59 -8.75
C THR A 501 -21.67 -15.81 -9.50
N TYR A 502 -20.87 -16.53 -10.28
CA TYR A 502 -19.77 -15.94 -11.04
C TYR A 502 -20.22 -15.50 -12.45
N VAL A 503 -19.75 -14.34 -12.89
CA VAL A 503 -20.07 -13.80 -14.21
C VAL A 503 -18.80 -13.38 -14.96
N GLU A 504 -18.67 -13.82 -16.21
CA GLU A 504 -17.53 -13.43 -17.05
C GLU A 504 -17.98 -12.19 -17.79
N ALA A 505 -17.22 -11.10 -17.69
CA ALA A 505 -17.60 -9.86 -18.35
C ALA A 505 -17.00 -9.64 -19.74
N ASP A 506 -16.09 -10.50 -20.16
CA ASP A 506 -15.48 -10.40 -21.47
C ASP A 506 -14.92 -11.77 -21.87
N ASN A 507 -14.29 -11.85 -23.04
CA ASN A 507 -13.71 -13.11 -23.48
C ASN A 507 -12.19 -13.00 -23.68
N LEU A 508 -11.58 -12.10 -22.93
CA LEU A 508 -10.14 -11.87 -23.00
C LEU A 508 -9.40 -12.94 -22.19
N THR A 509 -8.43 -13.60 -22.83
CA THR A 509 -7.66 -14.68 -22.23
C THR A 509 -6.24 -14.31 -21.82
N GLY A 510 -5.87 -13.04 -21.98
CA GLY A 510 -4.53 -12.61 -21.63
C GLY A 510 -4.17 -12.50 -20.16
N GLY A 511 -5.16 -12.46 -19.29
CA GLY A 511 -4.88 -12.36 -17.86
C GLY A 511 -4.22 -11.08 -17.38
N ALA A 512 -4.50 -9.96 -18.03
CA ALA A 512 -3.94 -8.67 -17.60
C ALA A 512 -4.56 -8.35 -16.25
N THR A 513 -4.01 -7.37 -15.55
CA THR A 513 -4.50 -6.99 -14.22
C THR A 513 -5.70 -6.05 -14.27
N ALA A 514 -6.86 -6.61 -14.57
CA ALA A 514 -8.09 -5.84 -14.67
C ALA A 514 -8.80 -5.54 -13.34
N GLU A 515 -8.09 -4.92 -12.41
CA GLU A 515 -8.65 -4.54 -11.11
C GLU A 515 -9.71 -3.48 -11.41
N ALA A 516 -10.88 -3.64 -10.81
CA ALA A 516 -11.98 -2.72 -11.09
C ALA A 516 -12.80 -2.37 -9.87
N GLN A 517 -13.61 -1.32 -10.02
CA GLN A 517 -14.52 -0.84 -8.97
C GLN A 517 -15.84 -0.51 -9.67
N ILE A 518 -16.94 -0.65 -8.93
CA ILE A 518 -18.30 -0.47 -9.48
C ILE A 518 -19.09 0.72 -8.93
N VAL A 519 -19.78 1.42 -9.83
CA VAL A 519 -20.62 2.55 -9.46
C VAL A 519 -22.04 2.37 -10.06
N GLU A 520 -23.07 2.85 -9.36
CA GLU A 520 -24.45 2.72 -9.82
C GLU A 520 -24.99 4.02 -10.42
N MET A 521 -25.76 3.87 -11.50
CA MET A 521 -26.38 5.00 -12.18
C MET A 521 -27.76 5.25 -11.53
N PRO A 522 -28.35 6.43 -11.77
CA PRO A 522 -29.67 6.75 -11.17
C PRO A 522 -30.78 5.71 -11.30
N ASP A 523 -30.84 5.00 -12.43
CA ASP A 523 -31.89 4.01 -12.64
C ASP A 523 -31.54 2.60 -12.19
N GLY A 524 -30.38 2.43 -11.58
CA GLY A 524 -29.98 1.11 -11.13
C GLY A 524 -29.01 0.40 -12.05
N SER A 525 -28.78 0.94 -13.25
CA SER A 525 -27.81 0.32 -14.15
C SER A 525 -26.43 0.52 -13.51
N LEU A 526 -25.41 -0.17 -14.00
CA LEU A 526 -24.08 -0.08 -13.42
C LEU A 526 -22.99 0.26 -14.41
N LYS A 527 -21.96 0.97 -13.95
CA LYS A 527 -20.80 1.29 -14.77
C LYS A 527 -19.58 0.84 -13.95
N THR A 528 -18.71 0.07 -14.58
CA THR A 528 -17.51 -0.42 -13.90
C THR A 528 -16.28 0.20 -14.57
N TYR A 529 -15.39 0.75 -13.76
CA TYR A 529 -14.16 1.38 -14.24
C TYR A 529 -13.02 0.43 -13.86
N LEU A 530 -12.13 0.16 -14.81
CA LEU A 530 -11.05 -0.78 -14.56
C LEU A 530 -9.67 -0.43 -15.12
N ARG A 531 -8.66 -0.97 -14.45
CA ARG A 531 -7.27 -0.84 -14.85
C ARG A 531 -7.15 -1.82 -16.03
N THR A 532 -6.31 -1.49 -17.01
CA THR A 532 -6.09 -2.37 -18.16
C THR A 532 -4.60 -2.49 -18.42
N GLY A 533 -4.23 -3.36 -19.34
CA GLY A 533 -2.84 -3.52 -19.72
C GLY A 533 -2.46 -2.53 -20.81
N SER A 534 -3.36 -1.62 -21.15
CA SER A 534 -3.12 -0.60 -22.18
C SER A 534 -3.01 0.75 -21.48
N ASN A 535 -2.66 1.79 -22.24
CA ASN A 535 -2.49 3.12 -21.66
C ASN A 535 -3.77 3.89 -21.30
N CYS A 536 -4.79 3.19 -20.78
CA CYS A 536 -6.02 3.88 -20.40
C CYS A 536 -6.86 3.09 -19.40
N ILE A 537 -7.76 3.79 -18.72
CA ILE A 537 -8.69 3.16 -17.78
C ILE A 537 -9.92 2.86 -18.66
N ALA A 538 -10.51 1.69 -18.52
CA ALA A 538 -11.68 1.33 -19.31
C ALA A 538 -13.00 1.44 -18.54
N GLU A 539 -14.10 1.57 -19.30
CA GLU A 539 -15.43 1.66 -18.74
C GLU A 539 -16.32 0.62 -19.42
N VAL A 540 -17.13 -0.09 -18.62
CA VAL A 540 -18.08 -1.09 -19.12
C VAL A 540 -19.40 -0.80 -18.42
N THR A 541 -20.52 -1.11 -19.07
CA THR A 541 -21.85 -0.84 -18.54
C THR A 541 -22.74 -2.06 -18.57
N SER A 542 -23.63 -2.17 -17.57
CA SER A 542 -24.57 -3.28 -17.47
C SER A 542 -25.96 -2.72 -17.21
N ILE A 543 -26.96 -3.23 -17.94
CA ILE A 543 -28.35 -2.81 -17.83
C ILE A 543 -29.18 -3.92 -17.19
N ASP A 544 -28.54 -5.03 -16.84
CA ASP A 544 -29.23 -6.16 -16.25
C ASP A 544 -28.66 -6.61 -14.90
N GLY A 545 -28.33 -5.65 -14.04
CA GLY A 545 -27.79 -5.95 -12.72
C GLY A 545 -26.47 -6.69 -12.69
N GLY A 546 -25.61 -6.43 -13.68
CA GLY A 546 -24.30 -7.06 -13.72
C GLY A 546 -24.20 -8.43 -14.36
N GLU A 547 -25.29 -8.90 -14.98
CA GLU A 547 -25.28 -10.21 -15.63
C GLU A 547 -24.53 -10.22 -16.96
N THR A 548 -24.63 -9.13 -17.71
CA THR A 548 -23.92 -9.01 -18.98
C THR A 548 -23.36 -7.58 -19.01
N TRP A 549 -22.21 -7.41 -19.65
CA TRP A 549 -21.54 -6.10 -19.71
C TRP A 549 -21.16 -5.69 -21.13
N SER A 550 -21.18 -4.39 -21.40
CA SER A 550 -20.81 -3.88 -22.71
C SER A 550 -19.29 -4.00 -22.94
N ASP A 551 -18.85 -3.75 -24.17
CA ASP A 551 -17.42 -3.82 -24.49
C ASP A 551 -16.71 -2.66 -23.81
N ARG A 552 -15.41 -2.81 -23.61
CA ARG A 552 -14.62 -1.77 -22.96
C ARG A 552 -14.48 -0.52 -23.83
N VAL A 553 -14.64 0.64 -23.21
CA VAL A 553 -14.50 1.91 -23.88
C VAL A 553 -13.50 2.72 -23.04
N PRO A 554 -12.49 3.30 -23.69
CA PRO A 554 -11.49 4.08 -22.94
C PRO A 554 -12.11 5.28 -22.23
N LEU A 555 -11.65 5.53 -21.00
CA LEU A 555 -12.10 6.66 -20.23
C LEU A 555 -11.27 7.85 -20.73
N GLN A 556 -11.88 8.63 -21.61
CA GLN A 556 -11.28 9.81 -22.24
C GLN A 556 -10.84 10.93 -21.29
N GLY A 557 -9.58 11.35 -21.41
CA GLY A 557 -9.10 12.44 -20.59
C GLY A 557 -8.39 12.18 -19.26
N ILE A 558 -8.41 10.94 -18.78
CA ILE A 558 -7.74 10.60 -17.52
C ILE A 558 -6.55 9.70 -17.83
N SER A 559 -5.36 10.29 -17.83
CA SER A 559 -4.13 9.58 -18.16
C SER A 559 -3.67 8.54 -17.16
N THR A 560 -2.91 7.56 -17.64
CA THR A 560 -2.36 6.50 -16.80
C THR A 560 -1.17 5.85 -17.49
N THR A 561 -0.63 4.80 -16.88
CA THR A 561 0.52 4.05 -17.40
C THR A 561 0.06 2.85 -18.21
N SER A 562 1.01 2.17 -18.85
CA SER A 562 0.69 0.97 -19.64
C SER A 562 0.39 -0.19 -18.70
N TYR A 563 1.21 -0.35 -17.66
CA TYR A 563 0.99 -1.41 -16.68
C TYR A 563 -0.23 -1.11 -15.82
N GLY A 564 -0.48 0.18 -15.59
CA GLY A 564 -1.63 0.62 -14.82
C GLY A 564 -1.52 0.54 -13.31
N THR A 565 -2.54 1.08 -12.65
CA THR A 565 -2.62 1.06 -11.19
C THR A 565 -4.09 0.90 -10.78
N GLN A 566 -4.33 0.25 -9.65
CA GLN A 566 -5.68 0.09 -9.12
C GLN A 566 -6.28 1.50 -8.97
N LEU A 567 -7.61 1.59 -9.06
CA LEU A 567 -8.30 2.87 -8.94
C LEU A 567 -9.45 2.73 -7.97
N SER A 568 -9.97 3.86 -7.51
CA SER A 568 -11.12 3.85 -6.62
C SER A 568 -12.15 4.79 -7.24
N VAL A 569 -13.39 4.32 -7.38
CA VAL A 569 -14.45 5.15 -7.91
C VAL A 569 -15.67 4.85 -7.04
N ILE A 570 -16.30 5.91 -6.53
CA ILE A 570 -17.45 5.79 -5.64
C ILE A 570 -18.61 6.70 -5.99
N ASN A 571 -19.79 6.33 -5.49
CA ASN A 571 -21.00 7.13 -5.68
C ASN A 571 -20.97 8.15 -4.55
N TYR A 572 -21.51 9.35 -4.80
CA TYR A 572 -21.60 10.38 -3.79
C TYR A 572 -23.12 10.58 -3.57
N SER A 573 -23.53 10.65 -2.30
CA SER A 573 -24.96 10.77 -1.95
C SER A 573 -25.73 12.03 -2.32
N GLN A 574 -25.04 13.16 -2.46
CA GLN A 574 -25.71 14.40 -2.80
C GLN A 574 -25.28 14.87 -4.18
N PRO A 575 -26.12 15.67 -4.85
CA PRO A 575 -25.73 16.14 -6.17
C PRO A 575 -24.64 17.22 -6.10
N ILE A 576 -23.85 17.32 -7.15
CA ILE A 576 -22.77 18.32 -7.26
C ILE A 576 -23.16 19.08 -8.53
N ASP A 577 -23.27 20.40 -8.41
CA ASP A 577 -23.70 21.25 -9.53
C ASP A 577 -25.10 20.78 -10.01
N GLY A 578 -25.89 20.25 -9.07
CA GLY A 578 -27.24 19.78 -9.36
C GLY A 578 -27.39 18.44 -10.07
N LYS A 579 -26.28 17.73 -10.28
CA LYS A 579 -26.32 16.45 -10.98
C LYS A 579 -25.78 15.31 -10.14
N PRO A 580 -26.18 14.06 -10.46
CA PRO A 580 -25.69 12.89 -9.72
C PRO A 580 -24.18 12.88 -9.96
N ALA A 581 -23.40 12.52 -8.95
CA ALA A 581 -21.95 12.54 -9.11
C ALA A 581 -21.23 11.30 -8.62
N ILE A 582 -20.08 11.03 -9.24
CA ILE A 582 -19.23 9.91 -8.86
C ILE A 582 -17.82 10.53 -8.67
N ILE A 583 -17.00 9.93 -7.82
CA ILE A 583 -15.66 10.46 -7.54
C ILE A 583 -14.60 9.37 -7.80
N LEU A 584 -13.54 9.74 -8.52
CA LEU A 584 -12.48 8.78 -8.88
C LEU A 584 -11.10 9.20 -8.38
N SER A 585 -10.29 8.22 -7.96
CA SER A 585 -8.94 8.48 -7.46
C SER A 585 -7.97 7.57 -8.18
N SER A 586 -6.83 8.12 -8.60
CA SER A 586 -5.81 7.34 -9.31
C SER A 586 -4.56 8.20 -9.62
N PRO A 587 -3.37 7.57 -9.71
CA PRO A 587 -2.18 8.39 -10.03
C PRO A 587 -2.39 8.79 -11.51
N ASN A 588 -2.00 10.02 -11.85
CA ASN A 588 -2.21 10.56 -13.19
C ASN A 588 -1.01 10.56 -14.16
N ALA A 589 0.16 10.14 -13.68
CA ALA A 589 1.36 10.11 -14.52
C ALA A 589 1.30 9.01 -15.58
N THR A 590 1.97 9.24 -16.72
CA THR A 590 1.99 8.23 -17.78
C THR A 590 3.15 7.25 -17.61
N ASN A 591 3.97 7.47 -16.59
CA ASN A 591 5.07 6.58 -16.25
C ASN A 591 5.42 6.82 -14.79
N GLY A 592 5.42 5.75 -14.02
CA GLY A 592 5.69 5.82 -12.59
C GLY A 592 4.35 6.04 -11.91
N ARG A 593 4.19 5.55 -10.69
CA ARG A 593 2.95 5.75 -9.96
C ARG A 593 3.10 7.01 -9.12
N LYS A 594 2.67 8.12 -9.69
CA LYS A 594 2.78 9.43 -9.03
C LYS A 594 1.74 10.41 -9.56
N ASN A 595 1.70 11.58 -8.94
CA ASN A 595 0.77 12.65 -9.27
C ASN A 595 -0.69 12.19 -9.10
N GLY A 596 -1.03 11.79 -7.88
CA GLY A 596 -2.37 11.33 -7.59
C GLY A 596 -3.37 12.47 -7.73
N LYS A 597 -4.54 12.14 -8.26
CA LYS A 597 -5.60 13.12 -8.44
C LYS A 597 -6.97 12.53 -8.11
N ILE A 598 -7.86 13.40 -7.61
CA ILE A 598 -9.24 13.04 -7.28
C ILE A 598 -10.12 13.78 -8.31
N TRP A 599 -10.90 13.02 -9.06
CA TRP A 599 -11.77 13.59 -10.09
C TRP A 599 -13.25 13.49 -9.68
N ILE A 600 -14.04 14.46 -10.14
CA ILE A 600 -15.47 14.48 -9.91
C ILE A 600 -16.16 14.38 -11.28
N GLY A 601 -16.94 13.32 -11.45
CA GLY A 601 -17.66 13.10 -12.69
C GLY A 601 -19.15 13.28 -12.50
N LEU A 602 -19.76 14.13 -13.32
CA LEU A 602 -21.20 14.39 -13.25
C LEU A 602 -21.95 13.50 -14.25
N VAL A 603 -22.99 12.82 -13.75
CA VAL A 603 -23.80 11.93 -14.57
C VAL A 603 -24.84 12.73 -15.35
N ASN A 604 -24.83 12.56 -16.67
CA ASN A 604 -25.78 13.24 -17.55
C ASN A 604 -26.61 12.22 -18.28
N ASP A 605 -27.90 12.52 -18.45
CA ASP A 605 -28.81 11.64 -19.15
C ASP A 605 -28.74 12.14 -20.60
N THR A 606 -28.20 11.31 -21.48
CA THR A 606 -28.05 11.70 -22.89
C THR A 606 -29.36 11.75 -23.64
N GLY A 607 -30.37 11.08 -23.10
CA GLY A 607 -31.67 11.04 -23.74
C GLY A 607 -31.88 9.72 -24.46
N ASN A 608 -30.84 8.90 -24.47
CA ASN A 608 -30.89 7.59 -25.11
C ASN A 608 -31.32 6.55 -24.09
N THR A 609 -31.46 5.32 -24.55
CA THR A 609 -31.86 4.20 -23.68
C THR A 609 -30.83 3.07 -23.79
N GLY A 610 -30.79 2.21 -22.77
CA GLY A 610 -29.86 1.10 -22.76
C GLY A 610 -28.48 1.52 -22.26
N ILE A 611 -27.45 0.86 -22.80
CA ILE A 611 -26.06 1.15 -22.44
C ILE A 611 -25.63 2.60 -22.67
N ASP A 612 -26.29 3.28 -23.61
CA ASP A 612 -25.94 4.66 -23.93
C ASP A 612 -26.78 5.72 -23.24
N LYS A 613 -27.56 5.32 -22.24
CA LYS A 613 -28.41 6.25 -21.51
C LYS A 613 -27.64 7.35 -20.78
N TYR A 614 -26.56 6.99 -20.10
CA TYR A 614 -25.78 7.97 -19.33
C TYR A 614 -24.37 8.22 -19.84
N SER A 615 -23.91 9.44 -19.63
CA SER A 615 -22.59 9.88 -20.01
C SER A 615 -22.04 10.63 -18.80
N VAL A 616 -20.79 10.35 -18.43
CA VAL A 616 -20.16 11.00 -17.28
C VAL A 616 -19.19 12.09 -17.73
N GLU A 617 -19.40 13.30 -17.25
CA GLU A 617 -18.54 14.43 -17.56
C GLU A 617 -17.53 14.64 -16.42
N TRP A 618 -16.26 14.30 -16.66
CA TRP A 618 -15.23 14.47 -15.63
C TRP A 618 -14.83 15.94 -15.59
N LYS A 619 -15.67 16.71 -14.91
CA LYS A 619 -15.54 18.16 -14.80
C LYS A 619 -14.44 18.73 -13.91
N TYR A 620 -14.09 18.03 -12.83
CA TYR A 620 -13.07 18.52 -11.91
C TYR A 620 -11.95 17.53 -11.67
N SER A 621 -10.75 18.04 -11.41
CA SER A 621 -9.58 17.23 -11.08
C SER A 621 -8.87 17.97 -9.95
N TYR A 622 -8.42 17.22 -8.96
CA TYR A 622 -7.76 17.80 -7.78
C TYR A 622 -6.42 17.12 -7.53
N ALA A 623 -5.34 17.90 -7.62
CA ALA A 623 -4.00 17.38 -7.39
C ALA A 623 -3.69 17.34 -5.90
N VAL A 624 -3.38 16.14 -5.43
CA VAL A 624 -3.08 15.86 -4.05
C VAL A 624 -1.72 16.41 -3.54
N ASP A 625 -0.75 16.49 -4.45
CA ASP A 625 0.60 16.97 -4.13
C ASP A 625 1.22 17.46 -5.44
N THR A 626 2.55 17.53 -5.52
CA THR A 626 3.22 17.98 -6.73
C THR A 626 3.37 16.76 -7.67
N PRO A 627 3.55 17.01 -8.99
CA PRO A 627 3.67 15.96 -10.02
C PRO A 627 4.58 14.75 -9.80
N GLN A 628 5.71 14.92 -9.12
CA GLN A 628 6.61 13.79 -8.92
C GLN A 628 6.39 13.01 -7.62
N MET A 629 5.45 13.46 -6.78
CA MET A 629 5.20 12.76 -5.51
C MET A 629 4.43 11.45 -5.73
N GLY A 630 4.93 10.39 -5.12
CA GLY A 630 4.36 9.06 -5.25
C GLY A 630 2.92 8.91 -4.80
N TYR A 631 2.16 8.11 -5.55
CA TYR A 631 0.74 7.87 -5.26
C TYR A 631 0.35 6.58 -5.99
N SER A 632 -0.02 5.55 -5.25
CA SER A 632 -0.38 4.29 -5.88
C SER A 632 -1.84 3.86 -5.62
N TYR A 633 -2.04 2.73 -4.94
CA TYR A 633 -3.40 2.23 -4.65
C TYR A 633 -4.12 3.16 -3.68
N SER A 634 -5.44 3.24 -3.82
CA SER A 634 -6.26 4.12 -2.98
C SER A 634 -7.72 3.66 -2.82
N CYS A 635 -8.42 4.25 -1.85
CA CYS A 635 -9.83 3.95 -1.65
C CYS A 635 -10.50 5.17 -1.04
N LEU A 636 -11.54 5.62 -1.74
CA LEU A 636 -12.32 6.79 -1.35
C LEU A 636 -13.55 6.34 -0.55
N ALA A 637 -14.08 7.23 0.27
CA ALA A 637 -15.29 6.96 1.06
C ALA A 637 -15.95 8.27 1.43
N GLU A 638 -17.27 8.33 1.31
CA GLU A 638 -17.98 9.54 1.70
C GLU A 638 -18.17 9.43 3.21
N LEU A 639 -17.61 10.37 3.96
CA LEU A 639 -17.71 10.35 5.42
C LEU A 639 -19.08 10.89 5.85
N PRO A 640 -19.50 10.60 7.09
CA PRO A 640 -20.80 11.06 7.62
C PRO A 640 -21.07 12.56 7.44
N ASP A 641 -20.02 13.39 7.51
CA ASP A 641 -20.22 14.81 7.23
C ASP A 641 -20.14 14.87 5.71
N GLY A 642 -20.04 16.04 5.11
CA GLY A 642 -19.98 16.02 3.65
C GLY A 642 -18.67 15.54 3.04
N GLN A 643 -17.64 15.41 3.86
CA GLN A 643 -16.31 15.05 3.37
C GLN A 643 -16.08 13.73 2.65
N VAL A 644 -14.98 13.71 1.90
CA VAL A 644 -14.55 12.54 1.15
C VAL A 644 -13.22 12.11 1.77
N GLY A 645 -13.21 10.92 2.38
CA GLY A 645 -12.01 10.38 2.98
C GLY A 645 -11.19 9.67 1.92
N LEU A 646 -9.89 9.58 2.14
CA LEU A 646 -8.98 8.96 1.19
C LEU A 646 -7.88 8.19 1.95
N LEU A 647 -7.82 6.88 1.76
CA LEU A 647 -6.78 6.05 2.36
C LEU A 647 -5.96 5.62 1.15
N TYR A 648 -4.69 6.04 1.09
CA TYR A 648 -3.88 5.73 -0.08
C TYR A 648 -2.39 5.47 0.20
N GLU A 649 -1.72 4.90 -0.79
CA GLU A 649 -0.29 4.61 -0.72
C GLU A 649 0.49 5.82 -1.21
N LYS A 650 1.14 6.55 -0.31
CA LYS A 650 1.89 7.73 -0.72
C LYS A 650 3.35 7.44 -1.10
N TYR A 651 3.50 6.62 -2.15
CA TYR A 651 4.80 6.24 -2.69
C TYR A 651 4.53 5.50 -4.00
N ASP A 652 5.59 5.18 -4.75
CA ASP A 652 5.43 4.46 -6.01
C ASP A 652 5.61 2.97 -5.71
N SER A 653 4.48 2.28 -5.55
CA SER A 653 4.49 0.84 -5.23
C SER A 653 4.90 -0.12 -6.34
N TRP A 654 5.24 0.44 -7.51
CA TRP A 654 5.66 -0.36 -8.65
C TRP A 654 7.18 -0.31 -8.75
N SER A 655 7.75 0.85 -8.40
CA SER A 655 9.20 1.08 -8.44
C SER A 655 10.03 0.08 -7.63
N ARG A 656 11.10 -0.40 -8.24
CA ARG A 656 12.00 -1.34 -7.60
C ARG A 656 12.94 -0.61 -6.64
N ASN A 657 12.87 0.71 -6.64
CA ASN A 657 13.69 1.54 -5.76
C ASN A 657 12.91 2.00 -4.52
N GLU A 658 11.61 1.72 -4.47
CA GLU A 658 10.79 2.14 -3.34
C GLU A 658 10.11 1.01 -2.58
N LEU A 659 10.72 -0.16 -2.61
CA LEU A 659 10.17 -1.30 -1.92
C LEU A 659 10.49 -1.17 -0.44
N HIS A 660 9.67 -1.84 0.38
CA HIS A 660 9.87 -1.91 1.81
C HIS A 660 10.04 -0.61 2.57
N LEU A 661 9.09 0.30 2.38
CA LEU A 661 9.11 1.57 3.09
C LEU A 661 8.04 1.50 4.17
N LYS A 662 8.36 2.00 5.37
CA LYS A 662 7.38 1.98 6.45
C LYS A 662 6.52 3.24 6.48
N ASP A 663 5.30 3.09 6.98
CA ASP A 663 4.35 4.18 7.14
C ASP A 663 4.07 5.05 5.92
N ILE A 664 3.68 4.42 4.82
CA ILE A 664 3.34 5.14 3.60
C ILE A 664 1.82 5.15 3.30
N LEU A 665 1.03 4.45 4.12
CA LEU A 665 -0.43 4.38 3.94
C LEU A 665 -1.06 5.51 4.74
N LYS A 666 -1.49 6.56 4.05
CA LYS A 666 -2.04 7.73 4.73
C LYS A 666 -3.54 7.95 4.54
N PHE A 667 -4.15 8.59 5.54
CA PHE A 667 -5.57 8.91 5.52
C PHE A 667 -5.74 10.42 5.52
N GLU A 668 -6.40 10.93 4.48
CA GLU A 668 -6.68 12.36 4.33
C GLU A 668 -8.16 12.57 4.01
N LYS A 669 -8.68 13.77 4.32
CA LYS A 669 -10.08 14.12 4.10
C LYS A 669 -10.19 15.42 3.31
N TYR A 670 -11.16 15.49 2.40
CA TYR A 670 -11.35 16.68 1.58
C TYR A 670 -12.82 17.04 1.44
N SER A 671 -13.12 18.33 1.42
CA SER A 671 -14.50 18.78 1.26
C SER A 671 -14.78 18.92 -0.25
N ILE A 672 -16.06 18.94 -0.62
CA ILE A 672 -16.40 19.08 -2.02
C ILE A 672 -15.96 20.48 -2.48
N SER A 673 -15.97 21.43 -1.55
CA SER A 673 -15.53 22.79 -1.85
C SER A 673 -14.08 22.75 -2.31
N GLU A 674 -13.22 22.05 -1.56
CA GLU A 674 -11.81 21.92 -1.90
C GLU A 674 -11.64 21.18 -3.23
N LEU A 675 -12.30 20.04 -3.33
CA LEU A 675 -12.22 19.19 -4.52
C LEU A 675 -12.65 19.88 -5.82
N THR A 676 -13.59 20.82 -5.75
CA THR A 676 -14.05 21.51 -6.96
C THR A 676 -13.25 22.78 -7.25
N GLY A 677 -12.06 22.88 -6.67
CA GLY A 677 -11.21 24.04 -6.87
C GLY A 677 -11.86 25.31 -6.35
N GLN A 678 -12.94 25.15 -5.61
CA GLN A 678 -13.67 26.29 -5.06
C GLN A 678 -13.12 26.67 -3.68
N ALA A 679 -11.83 26.40 -3.47
CA ALA A 679 -11.13 26.70 -2.22
C ALA A 679 -11.51 25.78 -1.04
#